data_3MLC
#
_entry.id   3MLC
#
_cell.length_a   144.227
_cell.length_b   144.227
_cell.length_c   144.227
_cell.angle_alpha   90.00
_cell.angle_beta   90.00
_cell.angle_gamma   90.00
#
_symmetry.space_group_name_H-M   'P 21 3'
#
loop_
_entity.id
_entity.type
_entity.pdbx_description
1 polymer 'FG41 Malonate Semialdehyde Decarboxylase'
2 non-polymer '3-chloro-3-oxopropanoic acid'
3 water water
#
_entity_poly.entity_id   1
_entity_poly.type   'polypeptide(L)'
_entity_poly.pdbx_seq_one_letter_code
;PLIRIDLTSDRSREQRRAIADAVHDALVEVLAIPARDRFQILTAHDPSDIIAEDAGLGFQRSPSVVIIHVFTQAGRTIET
KQRVFAAITESLAPIGVAGSDVFIAITENAPHDWSFGFGSAQYVTGELAIPATGAA
;
_entity_poly.pdbx_strand_id   A,B,C,D,E
#
loop_
_chem_comp.id
_chem_comp.type
_chem_comp.name
_chem_comp.formula
PR6 non-polymer '3-chloro-3-oxopropanoic acid' 'C3 H3 Cl O3'
#
# COMPACT_ATOMS: atom_id res chain seq x y z
N PRO A 1 -13.11 -13.89 -6.24
CA PRO A 1 -12.05 -13.14 -5.56
C PRO A 1 -11.31 -13.98 -4.53
N LEU A 2 -10.05 -13.65 -4.28
CA LEU A 2 -9.26 -14.30 -3.23
C LEU A 2 -9.19 -13.39 -2.00
N ILE A 3 -9.61 -13.90 -0.81
CA ILE A 3 -9.64 -13.15 0.44
C ILE A 3 -8.62 -13.70 1.43
N ARG A 4 -7.77 -12.80 1.93
CA ARG A 4 -6.86 -13.16 2.99
C ARG A 4 -7.37 -12.50 4.25
N ILE A 5 -7.76 -13.32 5.22
CA ILE A 5 -8.23 -12.81 6.48
C ILE A 5 -7.14 -13.09 7.50
N ASP A 6 -6.54 -12.03 8.02
CA ASP A 6 -5.54 -12.21 9.06
C ASP A 6 -6.06 -11.69 10.37
N LEU A 7 -6.06 -12.56 11.37
CA LEU A 7 -6.64 -12.25 12.67
C LEU A 7 -5.75 -12.79 13.80
N THR A 8 -6.19 -12.57 15.04
CA THR A 8 -5.39 -12.95 16.20
C THR A 8 -5.87 -14.29 16.77
N SER A 9 -5.00 -14.97 17.53
CA SER A 9 -5.19 -16.36 17.96
C SER A 9 -5.97 -16.56 19.27
N ASP A 10 -6.41 -15.47 19.86
CA ASP A 10 -7.35 -15.48 20.95
C ASP A 10 -8.75 -15.85 20.53
N ARG A 11 -9.01 -15.74 19.23
CA ARG A 11 -10.32 -16.09 18.69
C ARG A 11 -10.41 -17.57 18.33
N SER A 12 -11.62 -18.10 18.30
CA SER A 12 -11.89 -19.41 18.88
C SER A 12 -11.71 -20.52 17.84
N ARG A 13 -12.07 -20.22 16.60
CA ARG A 13 -12.08 -21.21 15.54
C ARG A 13 -13.49 -21.44 15.01
N GLU A 14 -14.44 -21.67 15.92
CA GLU A 14 -15.84 -21.37 15.65
C GLU A 14 -16.02 -19.95 15.14
N GLN A 15 -15.40 -18.99 15.83
CA GLN A 15 -15.53 -17.59 15.48
C GLN A 15 -14.75 -17.20 14.22
N ARG A 16 -13.54 -17.76 14.07
CA ARG A 16 -12.75 -17.59 12.86
C ARG A 16 -13.54 -18.06 11.64
N ARG A 17 -14.15 -19.24 11.75
CA ARG A 17 -15.05 -19.77 10.70
C ARG A 17 -16.30 -18.88 10.45
N ALA A 18 -16.87 -18.35 11.53
CA ALA A 18 -18.04 -17.46 11.43
C ALA A 18 -17.71 -16.09 10.82
N ILE A 19 -16.52 -15.57 11.13
CA ILE A 19 -15.98 -14.36 10.49
C ILE A 19 -15.80 -14.59 9.00
N ALA A 20 -15.34 -15.79 8.62
CA ALA A 20 -15.09 -16.15 7.21
C ALA A 20 -16.40 -16.28 6.44
N ASP A 21 -17.38 -16.94 7.06
CA ASP A 21 -18.77 -16.95 6.59
C ASP A 21 -19.39 -15.58 6.36
N ALA A 22 -19.25 -14.70 7.36
CA ALA A 22 -19.76 -13.33 7.30
C ALA A 22 -19.14 -12.49 6.18
N VAL A 23 -17.81 -12.53 6.05
CA VAL A 23 -17.08 -11.82 4.98
C VAL A 23 -17.58 -12.29 3.64
N HIS A 24 -17.83 -13.59 3.53
CA HIS A 24 -18.27 -14.21 2.29
C HIS A 24 -19.73 -13.94 1.96
N ASP A 25 -20.59 -14.05 2.97
CA ASP A 25 -22.02 -13.72 2.78
C ASP A 25 -22.14 -12.29 2.27
N ALA A 26 -21.33 -11.41 2.83
CA ALA A 26 -21.39 -9.99 2.51
C ALA A 26 -20.95 -9.72 1.05
N LEU A 27 -19.90 -10.41 0.58
CA LEU A 27 -19.44 -10.27 -0.81
C LEU A 27 -20.42 -10.85 -1.80
N VAL A 28 -21.13 -11.90 -1.42
CA VAL A 28 -22.21 -12.44 -2.25
C VAL A 28 -23.35 -11.41 -2.31
N GLU A 29 -23.72 -10.85 -1.16
CA GLU A 29 -24.72 -9.79 -1.11
C GLU A 29 -24.46 -8.61 -2.04
N VAL A 30 -23.33 -7.92 -1.88
CA VAL A 30 -23.08 -6.71 -2.68
C VAL A 30 -22.49 -6.99 -4.07
N LEU A 31 -21.58 -7.94 -4.19
CA LEU A 31 -20.97 -8.20 -5.50
C LEU A 31 -21.88 -9.04 -6.41
N ALA A 32 -22.87 -9.72 -5.81
CA ALA A 32 -23.75 -10.66 -6.50
C ALA A 32 -22.92 -11.75 -7.15
N ILE A 33 -21.89 -12.13 -6.46
CA ILE A 33 -21.00 -13.14 -6.90
C ILE A 33 -21.57 -14.51 -6.58
N PRO A 34 -21.30 -15.51 -7.41
CA PRO A 34 -21.87 -16.83 -7.20
C PRO A 34 -21.58 -17.34 -5.82
N ALA A 35 -22.39 -18.22 -5.31
CA ALA A 35 -22.32 -18.54 -3.91
C ALA A 35 -21.14 -19.46 -3.63
N ARG A 36 -20.73 -20.21 -4.63
CA ARG A 36 -19.54 -21.09 -4.47
C ARG A 36 -18.24 -20.43 -4.99
N ASP A 37 -18.32 -19.14 -5.32
CA ASP A 37 -17.15 -18.31 -5.70
C ASP A 37 -16.46 -17.88 -4.41
N ARG A 38 -15.95 -18.88 -3.69
CA ARG A 38 -15.43 -18.70 -2.34
C ARG A 38 -14.02 -19.23 -2.19
N PHE A 39 -13.09 -18.30 -1.98
CA PHE A 39 -11.65 -18.56 -1.86
C PHE A 39 -11.05 -17.67 -0.79
N GLN A 40 -10.63 -18.30 0.32
CA GLN A 40 -10.23 -17.59 1.52
C GLN A 40 -9.08 -18.29 2.21
N ILE A 41 -8.13 -17.50 2.70
CA ILE A 41 -7.04 -18.02 3.51
C ILE A 41 -7.10 -17.33 4.87
N LEU A 42 -7.46 -18.09 5.90
CA LEU A 42 -7.52 -17.60 7.27
C LEU A 42 -6.20 -17.77 7.97
N THR A 43 -5.58 -16.68 8.41
CA THR A 43 -4.33 -16.81 9.19
C THR A 43 -4.44 -16.14 10.55
N ALA A 44 -4.01 -16.87 11.58
CA ALA A 44 -4.11 -16.42 12.97
C ALA A 44 -2.71 -16.22 13.52
N HIS A 45 -2.49 -15.08 14.19
CA HIS A 45 -1.16 -14.73 14.65
C HIS A 45 -1.24 -14.49 16.15
N ASP A 46 -0.10 -14.49 16.83
CA ASP A 46 -0.05 -13.88 18.14
C ASP A 46 -0.58 -12.44 17.99
N PRO A 47 -1.34 -11.92 18.97
CA PRO A 47 -1.74 -10.50 19.04
C PRO A 47 -0.64 -9.46 18.72
N SER A 48 0.61 -9.76 19.10
CA SER A 48 1.75 -8.88 18.90
C SER A 48 2.22 -8.76 17.44
N ASP A 49 1.90 -9.78 16.64
CA ASP A 49 2.24 -9.81 15.22
C ASP A 49 1.34 -8.95 14.32
N ILE A 50 0.13 -8.62 14.75
CA ILE A 50 -0.69 -7.66 14.00
C ILE A 50 -0.76 -6.34 14.74
N ILE A 51 -0.21 -5.31 14.12
CA ILE A 51 -0.32 -3.94 14.61
C ILE A 51 -1.26 -3.14 13.69
N ALA A 52 -2.39 -2.70 14.22
CA ALA A 52 -3.29 -1.83 13.47
C ALA A 52 -3.75 -0.70 14.38
N GLU A 53 -3.11 0.44 14.21
CA GLU A 53 -3.42 1.62 15.01
C GLU A 53 -4.57 2.40 14.35
N ASP A 54 -4.77 3.67 14.71
CA ASP A 54 -5.97 4.37 14.23
C ASP A 54 -5.79 5.24 12.99
N ALA A 55 -4.56 5.36 12.49
CA ALA A 55 -4.21 6.35 11.44
C ALA A 55 -4.51 7.79 11.89
N GLY A 56 -4.48 8.00 13.20
CA GLY A 56 -4.75 9.31 13.80
C GLY A 56 -6.18 9.80 13.60
N LEU A 57 -7.14 8.88 13.62
CA LEU A 57 -8.56 9.19 13.47
C LEU A 57 -9.25 9.34 14.83
N GLY A 58 -8.53 9.00 15.89
CA GLY A 58 -9.03 9.20 17.25
C GLY A 58 -9.96 8.10 17.74
N PHE A 59 -9.47 6.87 17.71
CA PHE A 59 -10.13 5.73 18.34
C PHE A 59 -9.08 4.69 18.77
N GLN A 60 -9.48 3.75 19.64
CA GLN A 60 -8.60 2.62 19.90
C GLN A 60 -9.26 1.32 19.46
N ARG A 61 -8.42 0.36 19.10
CA ARG A 61 -8.86 -0.98 18.79
C ARG A 61 -8.56 -1.88 19.99
N SER A 62 -9.32 -2.98 20.10
CA SER A 62 -8.86 -4.07 20.94
C SER A 62 -7.64 -4.71 20.25
N PRO A 63 -6.84 -5.50 21.00
CA PRO A 63 -5.79 -6.27 20.33
C PRO A 63 -6.29 -7.36 19.37
N SER A 64 -7.60 -7.63 19.37
CA SER A 64 -8.20 -8.67 18.54
C SER A 64 -8.62 -8.13 17.17
N VAL A 65 -7.65 -7.60 16.43
CA VAL A 65 -7.90 -6.97 15.13
C VAL A 65 -8.06 -8.01 14.00
N VAL A 66 -9.01 -7.76 13.10
CA VAL A 66 -9.23 -8.60 11.93
C VAL A 66 -8.89 -7.78 10.70
N ILE A 67 -7.88 -8.24 9.94
CA ILE A 67 -7.48 -7.58 8.71
C ILE A 67 -7.95 -8.43 7.54
N ILE A 68 -8.65 -7.77 6.61
CA ILE A 68 -9.31 -8.44 5.49
C ILE A 68 -8.80 -7.80 4.21
N HIS A 69 -8.14 -8.58 3.37
CA HIS A 69 -7.52 -8.04 2.16
C HIS A 69 -8.15 -8.77 1.01
N VAL A 70 -8.86 -8.01 0.19
CA VAL A 70 -9.62 -8.55 -0.93
C VAL A 70 -8.82 -8.40 -2.24
N PHE A 71 -8.49 -9.53 -2.86
CA PHE A 71 -7.89 -9.50 -4.20
C PHE A 71 -8.96 -9.84 -5.25
N THR A 72 -9.22 -8.90 -6.14
CA THR A 72 -10.37 -9.00 -7.01
C THR A 72 -10.22 -8.31 -8.34
N GLN A 73 -10.85 -8.85 -9.36
CA GLN A 73 -11.07 -8.20 -10.64
C GLN A 73 -11.30 -6.71 -10.52
N ALA A 74 -10.61 -5.92 -11.31
CA ALA A 74 -10.94 -4.52 -11.52
C ALA A 74 -12.31 -4.48 -12.19
N GLY A 75 -13.09 -3.47 -11.81
CA GLY A 75 -14.33 -3.20 -12.49
C GLY A 75 -15.34 -2.56 -11.59
N ARG A 76 -15.32 -2.95 -10.32
CA ARG A 76 -16.24 -2.47 -9.31
C ARG A 76 -16.12 -0.98 -9.06
N THR A 77 -17.28 -0.41 -8.81
CA THR A 77 -17.48 1.02 -8.61
C THR A 77 -17.03 1.44 -7.20
N ILE A 78 -16.71 2.73 -7.03
CA ILE A 78 -16.36 3.33 -5.72
C ILE A 78 -17.44 3.07 -4.66
N GLU A 79 -18.70 3.18 -5.06
CA GLU A 79 -19.86 2.98 -4.17
C GLU A 79 -20.14 1.51 -3.86
N THR A 80 -19.97 0.64 -4.86
CA THR A 80 -19.96 -0.82 -4.65
C THR A 80 -18.93 -1.21 -3.58
N LYS A 81 -17.70 -0.72 -3.73
CA LYS A 81 -16.66 -0.92 -2.73
C LYS A 81 -17.05 -0.37 -1.36
N GLN A 82 -17.59 0.84 -1.32
CA GLN A 82 -18.16 1.41 -0.07
C GLN A 82 -19.26 0.53 0.54
N ARG A 83 -20.12 -0.03 -0.31
CA ARG A 83 -21.12 -1.02 0.12
C ARG A 83 -20.49 -2.32 0.61
N VAL A 84 -19.38 -2.75 -0.01
CA VAL A 84 -18.61 -3.92 0.48
C VAL A 84 -18.06 -3.69 1.87
N PHE A 85 -17.46 -2.52 2.10
CA PHE A 85 -16.88 -2.19 3.42
C PHE A 85 -17.93 -2.21 4.53
N ALA A 86 -19.10 -1.65 4.21
CA ALA A 86 -20.23 -1.56 5.16
C ALA A 86 -20.82 -2.92 5.46
N ALA A 87 -21.11 -3.68 4.41
CA ALA A 87 -21.74 -5.00 4.56
C ALA A 87 -20.88 -5.96 5.38
N ILE A 88 -19.57 -5.98 5.12
CA ILE A 88 -18.65 -6.81 5.89
C ILE A 88 -18.66 -6.44 7.37
N THR A 89 -18.54 -5.15 7.68
CA THR A 89 -18.47 -4.66 9.06
C THR A 89 -19.77 -4.94 9.83
N GLU A 90 -20.91 -4.70 9.18
CA GLU A 90 -22.20 -4.98 9.81
C GLU A 90 -22.47 -6.50 9.89
N SER A 91 -21.95 -7.27 8.93
CA SER A 91 -22.04 -8.74 8.98
C SER A 91 -21.25 -9.35 10.13
N LEU A 92 -20.24 -8.62 10.62
CA LEU A 92 -19.33 -9.11 11.66
C LEU A 92 -19.70 -8.71 13.10
N ALA A 93 -20.48 -7.65 13.25
CA ALA A 93 -20.88 -7.16 14.57
C ALA A 93 -21.63 -8.22 15.41
N PRO A 94 -22.74 -8.78 14.88
CA PRO A 94 -23.46 -9.79 15.67
C PRO A 94 -22.61 -11.01 16.00
N ILE A 95 -21.50 -11.17 15.27
CA ILE A 95 -20.61 -12.32 15.43
C ILE A 95 -19.43 -12.10 16.41
N GLY A 96 -19.32 -10.90 16.97
CA GLY A 96 -18.29 -10.62 17.98
C GLY A 96 -17.07 -9.78 17.55
N VAL A 97 -17.09 -9.25 16.34
CA VAL A 97 -16.03 -8.32 15.88
C VAL A 97 -16.48 -6.85 15.87
N ALA A 98 -15.91 -6.06 16.77
CA ALA A 98 -16.29 -4.65 16.90
C ALA A 98 -15.80 -3.81 15.72
N GLY A 99 -16.67 -2.93 15.23
CA GLY A 99 -16.38 -2.11 14.05
C GLY A 99 -15.08 -1.35 14.07
N SER A 100 -14.49 -1.18 15.26
CA SER A 100 -13.17 -0.57 15.41
C SER A 100 -12.01 -1.52 15.05
N ASP A 101 -12.28 -2.82 15.12
CA ASP A 101 -11.26 -3.85 14.92
C ASP A 101 -11.24 -4.43 13.50
N VAL A 102 -11.92 -3.78 12.56
CA VAL A 102 -11.97 -4.26 11.18
C VAL A 102 -11.16 -3.33 10.28
N PHE A 103 -10.18 -3.89 9.57
CA PHE A 103 -9.40 -3.17 8.57
C PHE A 103 -9.57 -3.91 7.24
N ILE A 104 -9.98 -3.19 6.20
CA ILE A 104 -10.17 -3.80 4.90
C ILE A 104 -9.39 -3.04 3.85
N ALA A 105 -8.85 -3.80 2.89
CA ALA A 105 -8.21 -3.28 1.71
C ALA A 105 -8.55 -4.12 0.48
N ILE A 106 -8.54 -3.46 -0.67
CA ILE A 106 -8.75 -4.14 -1.93
C ILE A 106 -7.56 -3.86 -2.83
N THR A 107 -7.10 -4.89 -3.48
CA THR A 107 -6.16 -4.78 -4.53
C THR A 107 -6.56 -5.57 -5.74
N GLU A 108 -6.30 -5.02 -6.91
CA GLU A 108 -7.03 -5.37 -8.08
C GLU A 108 -6.17 -5.98 -9.16
N ASN A 109 -6.73 -6.90 -9.92
CA ASN A 109 -6.19 -7.36 -11.18
C ASN A 109 -7.28 -7.51 -12.24
N ALA A 110 -7.08 -8.36 -13.23
CA ALA A 110 -7.99 -8.54 -14.34
C ALA A 110 -8.56 -9.97 -14.42
N PRO A 111 -9.59 -10.21 -15.23
CA PRO A 111 -10.16 -11.57 -15.43
C PRO A 111 -9.16 -12.61 -15.93
N HIS A 112 -8.20 -12.19 -16.74
CA HIS A 112 -7.17 -13.08 -17.24
C HIS A 112 -6.06 -13.40 -16.23
N ASP A 113 -6.16 -12.87 -15.01
CA ASP A 113 -5.20 -13.16 -13.97
C ASP A 113 -5.62 -14.28 -13.00
N TRP A 114 -6.67 -15.02 -13.37
CA TRP A 114 -7.23 -16.07 -12.51
C TRP A 114 -7.25 -17.45 -13.11
N SER A 115 -6.87 -18.45 -12.29
CA SER A 115 -7.07 -19.88 -12.58
C SER A 115 -7.71 -20.59 -11.38
N PHE A 116 -8.95 -21.06 -11.56
CA PHE A 116 -9.69 -21.72 -10.49
C PHE A 116 -9.38 -23.20 -10.35
N GLY A 117 -8.56 -23.73 -11.23
CA GLY A 117 -8.21 -25.14 -11.18
C GLY A 117 -7.91 -25.58 -12.59
N PHE A 118 -7.29 -26.75 -12.70
CA PHE A 118 -7.04 -27.51 -13.94
C PHE A 118 -6.08 -26.87 -14.96
N GLY A 119 -5.31 -25.87 -14.54
CA GLY A 119 -4.40 -25.13 -15.40
C GLY A 119 -5.12 -24.24 -16.39
N SER A 120 -6.37 -23.95 -16.12
CA SER A 120 -7.21 -23.29 -17.12
C SER A 120 -7.51 -21.87 -16.61
N ALA A 121 -7.68 -20.92 -17.54
CA ALA A 121 -8.09 -19.57 -17.18
C ALA A 121 -9.56 -19.40 -17.61
N GLN A 122 -10.46 -19.64 -16.67
CA GLN A 122 -11.87 -19.84 -16.98
C GLN A 122 -12.59 -18.56 -17.50
N TYR A 123 -12.11 -17.38 -17.11
CA TYR A 123 -12.69 -16.13 -17.59
C TYR A 123 -12.29 -15.86 -19.05
N VAL A 124 -11.08 -16.26 -19.40
CA VAL A 124 -10.58 -16.12 -20.76
C VAL A 124 -11.30 -17.09 -21.72
N THR A 125 -11.50 -18.33 -21.29
CA THR A 125 -12.12 -19.37 -22.12
C THR A 125 -13.64 -19.21 -22.18
N GLY A 126 -14.21 -18.52 -21.19
CA GLY A 126 -15.65 -18.33 -21.13
C GLY A 126 -16.40 -19.30 -20.25
N GLU A 127 -15.70 -20.27 -19.65
CA GLU A 127 -16.31 -21.23 -18.74
C GLU A 127 -16.93 -20.54 -17.53
N LEU A 128 -16.33 -19.43 -17.10
CA LEU A 128 -16.86 -18.61 -16.02
C LEU A 128 -17.24 -17.25 -16.58
N ALA A 129 -18.34 -16.69 -16.07
CA ALA A 129 -18.85 -15.38 -16.48
C ALA A 129 -18.23 -14.25 -15.69
N PRO B 1 -0.60 2.84 4.49
CA PRO B 1 -0.32 1.59 3.79
C PRO B 1 -0.45 0.36 4.70
N LEU B 2 -0.59 -0.81 4.07
CA LEU B 2 -0.59 -2.09 4.79
C LEU B 2 0.70 -2.84 4.46
N ILE B 3 1.46 -3.36 5.45
CA ILE B 3 2.78 -3.94 5.27
C ILE B 3 2.72 -5.39 5.73
N ARG B 4 2.97 -6.31 4.80
CA ARG B 4 3.18 -7.70 5.18
C ARG B 4 4.68 -7.95 5.32
N ILE B 5 5.11 -8.24 6.54
CA ILE B 5 6.47 -8.60 6.82
C ILE B 5 6.56 -10.10 7.10
N ASP B 6 7.30 -10.80 6.26
CA ASP B 6 7.49 -12.21 6.39
C ASP B 6 8.93 -12.52 6.69
N LEU B 7 9.16 -13.22 7.77
CA LEU B 7 10.50 -13.46 8.22
C LEU B 7 10.64 -14.82 8.85
N THR B 8 11.76 -15.12 9.46
CA THR B 8 12.05 -16.46 9.93
C THR B 8 12.06 -16.65 11.44
N SER B 9 11.80 -17.87 11.89
CA SER B 9 11.56 -18.22 13.32
C SER B 9 12.76 -18.01 14.24
N ASP B 10 13.95 -18.08 13.66
CA ASP B 10 15.20 -17.96 14.40
C ASP B 10 15.35 -16.60 15.06
N ARG B 11 14.58 -15.62 14.61
CA ARG B 11 14.65 -14.27 15.18
C ARG B 11 13.68 -14.14 16.35
N SER B 12 14.17 -13.53 17.42
CA SER B 12 13.41 -13.37 18.65
C SER B 12 12.28 -12.41 18.44
N ARG B 13 11.25 -12.56 19.26
CA ARG B 13 10.11 -11.67 19.28
C ARG B 13 10.53 -10.21 19.45
N GLU B 14 11.57 -9.96 20.26
CA GLU B 14 12.11 -8.60 20.40
C GLU B 14 12.68 -8.03 19.08
N GLN B 15 13.43 -8.83 18.34
CA GLN B 15 13.92 -8.41 17.03
C GLN B 15 12.79 -8.28 16.01
N ARG B 16 11.76 -9.15 16.09
CA ARG B 16 10.61 -9.07 15.21
C ARG B 16 9.91 -7.69 15.31
N ARG B 17 9.76 -7.21 16.52
CA ARG B 17 9.14 -5.95 16.75
C ARG B 17 10.05 -4.77 16.41
N ALA B 18 11.33 -4.95 16.67
CA ALA B 18 12.26 -3.94 16.30
C ALA B 18 12.27 -3.80 14.80
N ILE B 19 12.29 -4.91 14.10
CA ILE B 19 12.15 -4.91 12.67
C ILE B 19 10.94 -4.10 12.21
N ALA B 20 9.76 -4.42 12.71
CA ALA B 20 8.54 -3.71 12.37
C ALA B 20 8.51 -2.23 12.70
N ASP B 21 9.00 -1.88 13.86
CA ASP B 21 9.29 -0.51 14.24
C ASP B 21 10.21 0.20 13.29
N ALA B 22 11.19 -0.48 12.74
CA ALA B 22 12.11 0.15 11.78
C ALA B 22 11.48 0.30 10.41
N VAL B 23 10.71 -0.70 9.98
CA VAL B 23 10.04 -0.59 8.70
C VAL B 23 9.07 0.59 8.81
N HIS B 24 8.41 0.75 9.95
CA HIS B 24 7.46 1.83 10.11
C HIS B 24 8.11 3.22 10.30
N ASP B 25 9.27 3.29 10.97
CA ASP B 25 9.96 4.56 11.10
C ASP B 25 10.42 5.05 9.73
N ALA B 26 11.07 4.16 8.97
CA ALA B 26 11.42 4.40 7.58
C ALA B 26 10.25 4.96 6.78
N LEU B 27 9.10 4.31 6.82
CA LEU B 27 7.95 4.77 6.04
C LEU B 27 7.41 6.12 6.49
N VAL B 28 7.41 6.40 7.79
CA VAL B 28 7.02 7.71 8.28
C VAL B 28 7.98 8.82 7.82
N GLU B 29 9.29 8.57 7.98
CA GLU B 29 10.27 9.58 7.60
C GLU B 29 10.46 9.85 6.10
N VAL B 30 10.14 8.89 5.23
CA VAL B 30 10.24 9.14 3.76
C VAL B 30 8.89 9.52 3.11
N LEU B 31 7.80 8.89 3.56
CA LEU B 31 6.50 9.17 2.94
C LEU B 31 5.75 10.33 3.61
N ALA B 32 6.17 10.72 4.82
CA ALA B 32 5.50 11.78 5.59
C ALA B 32 4.07 11.36 5.94
N ILE B 33 3.95 10.12 6.34
CA ILE B 33 2.70 9.49 6.64
C ILE B 33 2.46 9.73 8.13
N PRO B 34 1.19 9.82 8.57
CA PRO B 34 1.00 9.95 10.01
C PRO B 34 1.62 8.78 10.77
N ALA B 35 2.20 9.10 11.93
CA ALA B 35 2.84 8.15 12.82
C ALA B 35 1.92 7.03 13.24
N ARG B 36 0.63 7.34 13.40
CA ARG B 36 -0.36 6.34 13.83
C ARG B 36 -0.99 5.59 12.64
N ASP B 37 -0.58 5.96 11.44
CA ASP B 37 -0.96 5.25 10.22
C ASP B 37 -0.08 4.00 10.08
N ARG B 38 -0.29 3.06 11.00
CA ARG B 38 0.56 1.87 11.14
C ARG B 38 -0.25 0.59 11.04
N PHE B 39 -0.15 -0.11 9.90
CA PHE B 39 -0.87 -1.37 9.68
C PHE B 39 0.04 -2.48 9.16
N GLN B 40 0.36 -3.42 10.05
CA GLN B 40 1.40 -4.44 9.82
C GLN B 40 0.98 -5.85 10.19
N ILE B 41 1.35 -6.80 9.34
CA ILE B 41 1.22 -8.24 9.63
C ILE B 41 2.62 -8.84 9.63
N LEU B 42 3.02 -9.41 10.75
CA LEU B 42 4.29 -10.08 10.90
C LEU B 42 4.02 -11.57 10.88
N THR B 43 4.61 -12.30 9.95
CA THR B 43 4.50 -13.76 9.92
C THR B 43 5.89 -14.41 9.93
N ALA B 44 6.13 -15.24 10.94
CA ALA B 44 7.41 -15.91 11.07
C ALA B 44 7.27 -17.31 10.49
N HIS B 45 8.33 -17.79 9.88
CA HIS B 45 8.30 -19.06 9.20
C HIS B 45 9.51 -19.88 9.63
N ASP B 46 9.43 -21.17 9.43
CA ASP B 46 10.60 -22.00 9.46
C ASP B 46 11.44 -21.47 8.28
N PRO B 47 12.76 -21.31 8.49
CA PRO B 47 13.69 -20.83 7.48
C PRO B 47 13.54 -21.50 6.09
N SER B 48 13.15 -22.77 6.05
CA SER B 48 12.99 -23.50 4.79
C SER B 48 11.75 -23.07 3.98
N ASP B 49 10.84 -22.35 4.63
CA ASP B 49 9.61 -21.90 3.96
C ASP B 49 9.77 -20.57 3.20
N ILE B 50 10.85 -19.85 3.47
CA ILE B 50 11.20 -18.67 2.68
C ILE B 50 12.42 -18.94 1.80
N ILE B 51 12.22 -18.96 0.49
CA ILE B 51 13.27 -19.22 -0.48
C ILE B 51 13.52 -17.96 -1.32
N ALA B 52 14.56 -17.21 -0.97
CA ALA B 52 14.93 -16.00 -1.71
C ALA B 52 16.39 -16.08 -2.20
N GLU B 53 16.55 -16.23 -3.52
CA GLU B 53 17.86 -16.31 -4.21
C GLU B 53 18.40 -14.92 -4.59
N ASP B 54 19.43 -14.85 -5.46
CA ASP B 54 20.14 -13.57 -5.72
C ASP B 54 19.78 -12.90 -7.03
N ALA B 55 18.80 -13.44 -7.73
CA ALA B 55 18.43 -12.99 -9.08
C ALA B 55 19.62 -12.99 -10.08
N GLY B 56 20.62 -13.83 -9.84
CA GLY B 56 21.83 -13.88 -10.65
C GLY B 56 22.85 -12.78 -10.38
N LEU B 57 22.72 -12.09 -9.24
CA LEU B 57 23.56 -10.93 -8.96
C LEU B 57 24.85 -11.26 -8.19
N GLY B 58 25.08 -12.53 -7.89
CA GLY B 58 26.34 -12.98 -7.32
C GLY B 58 26.56 -12.69 -5.85
N PHE B 59 25.53 -12.88 -5.03
CA PHE B 59 25.69 -12.65 -3.59
C PHE B 59 24.95 -13.70 -2.76
N GLN B 60 25.34 -13.83 -1.49
CA GLN B 60 24.78 -14.84 -0.56
C GLN B 60 23.86 -14.16 0.42
N ARG B 61 22.72 -14.75 0.70
CA ARG B 61 21.91 -14.33 1.83
C ARG B 61 22.13 -15.35 2.97
N SER B 62 21.82 -14.98 4.21
CA SER B 62 21.66 -15.94 5.30
C SER B 62 20.29 -16.61 5.21
N PRO B 63 20.07 -17.69 6.00
CA PRO B 63 18.74 -18.29 6.08
C PRO B 63 17.67 -17.29 6.55
N SER B 64 18.10 -16.24 7.26
CA SER B 64 17.25 -15.24 7.89
C SER B 64 16.75 -14.11 6.96
N VAL B 65 15.99 -14.50 5.95
CA VAL B 65 15.48 -13.55 4.98
C VAL B 65 14.27 -12.79 5.57
N VAL B 66 14.13 -11.54 5.13
CA VAL B 66 13.06 -10.68 5.60
C VAL B 66 12.44 -10.10 4.37
N ILE B 67 11.27 -10.61 4.02
CA ILE B 67 10.53 -10.14 2.86
C ILE B 67 9.54 -9.11 3.34
N ILE B 68 9.63 -7.90 2.80
CA ILE B 68 8.70 -6.85 3.19
C ILE B 68 7.85 -6.38 2.01
N HIS B 69 6.54 -6.48 2.19
CA HIS B 69 5.61 -6.29 1.11
C HIS B 69 4.66 -5.11 1.39
N VAL B 70 4.81 -4.07 0.57
CA VAL B 70 4.17 -2.80 0.86
C VAL B 70 2.95 -2.66 -0.03
N PHE B 71 1.79 -2.59 0.62
CA PHE B 71 0.54 -2.37 -0.10
C PHE B 71 0.10 -0.96 0.21
N THR B 72 0.14 -0.11 -0.82
CA THR B 72 -0.05 1.32 -0.63
C THR B 72 -0.73 1.93 -1.86
N GLN B 73 -1.39 3.06 -1.68
CA GLN B 73 -2.05 3.73 -2.77
C GLN B 73 -1.09 4.32 -3.76
N ALA B 74 -1.44 4.28 -5.03
CA ALA B 74 -0.69 4.92 -6.06
C ALA B 74 -0.46 6.40 -5.81
N GLY B 75 0.52 6.99 -6.48
CA GLY B 75 0.88 8.36 -6.16
C GLY B 75 2.37 8.66 -6.08
N ARG B 76 3.15 7.69 -5.59
CA ARG B 76 4.57 7.97 -5.33
C ARG B 76 5.47 7.80 -6.55
N THR B 77 6.48 8.66 -6.62
CA THR B 77 7.40 8.67 -7.74
C THR B 77 8.39 7.51 -7.60
N ILE B 78 9.03 7.15 -8.71
CA ILE B 78 10.14 6.19 -8.78
C ILE B 78 11.16 6.51 -7.68
N GLU B 79 11.52 7.79 -7.60
CA GLU B 79 12.55 8.32 -6.70
C GLU B 79 12.20 8.16 -5.24
N THR B 80 10.96 8.45 -4.91
CA THR B 80 10.43 8.24 -3.57
C THR B 80 10.43 6.75 -3.21
N LYS B 81 10.17 5.90 -4.21
CA LYS B 81 10.22 4.44 -4.02
C LYS B 81 11.66 3.97 -3.75
N GLN B 82 12.64 4.57 -4.43
CA GLN B 82 14.07 4.27 -4.15
C GLN B 82 14.48 4.67 -2.72
N ARG B 83 13.94 5.79 -2.26
CA ARG B 83 14.26 6.33 -0.95
C ARG B 83 13.69 5.48 0.14
N VAL B 84 12.52 4.90 -0.14
CA VAL B 84 11.82 3.94 0.73
C VAL B 84 12.66 2.68 0.93
N PHE B 85 13.08 2.05 -0.18
CA PHE B 85 13.93 0.87 -0.09
C PHE B 85 15.22 1.20 0.69
N ALA B 86 15.88 2.31 0.34
CA ALA B 86 17.09 2.73 1.05
C ALA B 86 16.87 2.89 2.53
N ALA B 87 15.84 3.62 2.94
CA ALA B 87 15.56 3.90 4.36
C ALA B 87 15.15 2.68 5.16
N ILE B 88 14.47 1.75 4.50
CA ILE B 88 14.03 0.52 5.16
C ILE B 88 15.30 -0.28 5.45
N THR B 89 16.15 -0.46 4.44
CA THR B 89 17.34 -1.28 4.66
C THR B 89 18.31 -0.64 5.67
N GLU B 90 18.43 0.69 5.64
CA GLU B 90 19.29 1.41 6.60
C GLU B 90 18.73 1.42 8.00
N SER B 91 17.41 1.48 8.12
CA SER B 91 16.79 1.35 9.44
C SER B 91 17.08 0.01 10.08
N LEU B 92 17.26 -1.01 9.25
CA LEU B 92 17.30 -2.42 9.70
C LEU B 92 18.70 -2.93 9.96
N ALA B 93 19.69 -2.34 9.28
CA ALA B 93 21.10 -2.72 9.52
C ALA B 93 21.55 -2.67 10.99
N PRO B 94 21.22 -1.57 11.73
CA PRO B 94 21.57 -1.45 13.16
C PRO B 94 20.81 -2.37 14.12
N ILE B 95 19.66 -2.91 13.68
CA ILE B 95 18.94 -3.92 14.48
C ILE B 95 19.51 -5.32 14.24
N GLY B 96 20.24 -5.50 13.15
CA GLY B 96 20.78 -6.81 12.84
C GLY B 96 20.06 -7.59 11.76
N VAL B 97 19.54 -6.89 10.74
CA VAL B 97 19.20 -7.51 9.48
C VAL B 97 20.19 -6.97 8.45
N ALA B 98 21.02 -7.86 7.88
CA ALA B 98 21.98 -7.50 6.81
C ALA B 98 21.25 -7.04 5.57
N GLY B 99 21.90 -6.21 4.74
CA GLY B 99 21.29 -5.72 3.52
C GLY B 99 21.01 -6.81 2.48
N SER B 100 21.80 -7.87 2.52
CA SER B 100 21.65 -9.02 1.61
C SER B 100 20.35 -9.80 1.87
N ASP B 101 19.86 -9.73 3.10
CA ASP B 101 18.72 -10.52 3.58
C ASP B 101 17.34 -9.79 3.55
N VAL B 102 17.28 -8.58 3.00
CA VAL B 102 16.03 -7.82 2.86
C VAL B 102 15.55 -7.81 1.42
N PHE B 103 14.25 -8.07 1.23
CA PHE B 103 13.63 -8.13 -0.08
C PHE B 103 12.37 -7.29 0.03
N ILE B 104 12.20 -6.32 -0.87
CA ILE B 104 11.05 -5.42 -0.77
C ILE B 104 10.26 -5.43 -2.06
N ALA B 105 8.94 -5.47 -1.93
CA ALA B 105 8.01 -5.35 -3.07
C ALA B 105 6.93 -4.29 -2.77
N ILE B 106 6.47 -3.59 -3.80
CA ILE B 106 5.39 -2.62 -3.64
C ILE B 106 4.17 -3.00 -4.48
N THR B 107 3.00 -3.00 -3.88
CA THR B 107 1.76 -3.16 -4.62
C THR B 107 0.74 -2.06 -4.36
N GLU B 108 0.10 -1.57 -5.42
CA GLU B 108 -0.62 -0.31 -5.44
C GLU B 108 -2.13 -0.48 -5.58
N ASN B 109 -2.90 0.39 -4.95
CA ASN B 109 -4.32 0.51 -5.21
C ASN B 109 -4.77 1.94 -5.19
N ALA B 110 -6.08 2.21 -5.23
CA ALA B 110 -6.61 3.56 -5.07
C ALA B 110 -7.00 3.85 -3.61
N PRO B 111 -7.14 5.13 -3.24
CA PRO B 111 -7.67 5.57 -1.94
C PRO B 111 -9.09 5.06 -1.64
N HIS B 112 -9.89 4.84 -2.68
CA HIS B 112 -11.19 4.24 -2.50
C HIS B 112 -11.13 2.72 -2.16
N ASP B 113 -9.90 2.18 -2.05
CA ASP B 113 -9.72 0.74 -1.80
C ASP B 113 -9.37 0.44 -0.35
N TRP B 114 -9.68 1.37 0.54
CA TRP B 114 -9.20 1.33 1.94
C TRP B 114 -10.32 1.61 2.95
N SER B 115 -10.52 0.72 3.92
CA SER B 115 -11.44 0.96 5.06
C SER B 115 -10.68 0.75 6.38
N PHE B 116 -10.50 1.82 7.17
CA PHE B 116 -9.65 1.74 8.35
C PHE B 116 -10.42 1.34 9.60
N GLY B 117 -11.70 1.04 9.42
CA GLY B 117 -12.59 0.74 10.53
C GLY B 117 -14.00 1.25 10.30
N PHE B 118 -14.95 0.69 11.05
CA PHE B 118 -16.37 1.10 11.09
C PHE B 118 -17.15 0.97 9.79
N GLY B 119 -16.56 0.33 8.80
CA GLY B 119 -17.24 0.07 7.53
C GLY B 119 -17.19 1.26 6.60
N SER B 120 -16.25 2.17 6.87
CA SER B 120 -16.19 3.38 6.10
C SER B 120 -14.88 3.50 5.29
N ALA B 121 -14.97 4.12 4.11
CA ALA B 121 -13.81 4.43 3.30
C ALA B 121 -13.37 5.88 3.56
N GLN B 122 -12.50 6.08 4.55
CA GLN B 122 -12.19 7.42 5.10
C GLN B 122 -11.55 8.38 4.08
N TYR B 123 -10.98 7.82 3.01
CA TYR B 123 -10.46 8.66 1.93
C TYR B 123 -11.61 9.15 1.02
N VAL B 124 -12.65 8.32 0.89
CA VAL B 124 -13.85 8.65 0.14
C VAL B 124 -14.72 9.66 0.93
N THR B 125 -14.95 9.38 2.21
CA THR B 125 -15.74 10.25 3.09
C THR B 125 -14.98 11.51 3.55
N GLY B 126 -13.69 11.56 3.27
CA GLY B 126 -12.83 12.70 3.58
C GLY B 126 -12.44 12.80 5.04
N GLU B 127 -12.78 11.79 5.83
CA GLU B 127 -12.35 11.70 7.24
C GLU B 127 -10.82 11.65 7.37
N LEU B 128 -10.16 11.30 6.26
CA LEU B 128 -8.69 11.32 6.09
C LEU B 128 -8.25 12.02 4.81
N ALA B 129 -7.20 12.84 4.92
CA ALA B 129 -6.59 13.47 3.75
C ALA B 129 -5.82 12.43 2.95
N PRO C 1 9.75 -12.34 -9.85
CA PRO C 1 8.42 -12.39 -9.24
C PRO C 1 8.44 -12.89 -7.79
N LEU C 2 7.49 -12.43 -6.98
CA LEU C 2 7.32 -12.94 -5.62
C LEU C 2 6.14 -13.91 -5.56
N ILE C 3 6.36 -15.16 -5.12
CA ILE C 3 5.35 -16.17 -5.12
C ILE C 3 5.00 -16.53 -3.71
N ARG C 4 3.72 -16.44 -3.39
CA ARG C 4 3.18 -16.94 -2.13
C ARG C 4 2.44 -18.22 -2.39
N ILE C 5 2.93 -19.28 -1.80
CA ILE C 5 2.33 -20.58 -1.86
C ILE C 5 1.68 -20.85 -0.50
N ASP C 6 0.36 -20.90 -0.49
CA ASP C 6 -0.39 -21.27 0.69
C ASP C 6 -1.00 -22.63 0.50
N LEU C 7 -0.63 -23.52 1.41
CA LEU C 7 -1.04 -24.90 1.35
C LEU C 7 -1.29 -25.41 2.78
N THR C 8 -1.43 -26.72 2.90
CA THR C 8 -1.98 -27.35 4.08
C THR C 8 -0.86 -28.10 4.75
N SER C 9 -0.92 -28.04 6.07
CA SER C 9 0.12 -28.55 7.00
C SER C 9 0.36 -30.03 6.91
N ASP C 10 -0.68 -30.75 6.52
CA ASP C 10 -0.61 -32.19 6.26
C ASP C 10 0.40 -32.59 5.15
N ARG C 11 0.84 -31.66 4.34
CA ARG C 11 1.81 -31.99 3.35
C ARG C 11 3.17 -31.99 3.95
N SER C 12 4.00 -32.89 3.45
CA SER C 12 5.18 -33.38 4.11
C SER C 12 6.46 -32.65 3.90
N ARG C 13 6.49 -31.40 3.59
CA ARG C 13 7.78 -30.77 3.73
C ARG C 13 8.80 -31.04 2.62
N GLU C 14 9.11 -32.30 2.36
CA GLU C 14 9.62 -32.72 1.09
C GLU C 14 8.68 -32.42 -0.04
N GLN C 15 7.42 -32.76 0.13
CA GLN C 15 6.41 -32.40 -0.84
C GLN C 15 6.26 -30.89 -0.96
N ARG C 16 6.31 -30.20 0.16
CA ARG C 16 6.26 -28.75 0.18
C ARG C 16 7.39 -28.14 -0.64
N ARG C 17 8.61 -28.70 -0.52
CA ARG C 17 9.78 -28.24 -1.29
C ARG C 17 9.58 -28.61 -2.76
N ALA C 18 9.06 -29.81 -3.01
CA ALA C 18 8.80 -30.23 -4.38
C ALA C 18 7.76 -29.38 -5.11
N ILE C 19 6.75 -28.92 -4.38
CA ILE C 19 5.69 -28.08 -4.93
C ILE C 19 6.25 -26.71 -5.30
N ALA C 20 7.14 -26.22 -4.45
CA ALA C 20 7.88 -24.99 -4.70
C ALA C 20 8.93 -25.11 -5.83
N ASP C 21 9.67 -26.23 -5.94
CA ASP C 21 10.61 -26.39 -7.05
C ASP C 21 9.84 -26.35 -8.35
N ALA C 22 8.66 -26.96 -8.33
CA ALA C 22 7.89 -27.14 -9.56
C ALA C 22 7.19 -25.87 -10.04
N VAL C 23 6.74 -25.03 -9.10
CA VAL C 23 6.23 -23.70 -9.42
C VAL C 23 7.40 -22.88 -10.00
N HIS C 24 8.56 -22.94 -9.35
CA HIS C 24 9.74 -22.22 -9.84
C HIS C 24 10.13 -22.67 -11.25
N ASP C 25 10.34 -23.95 -11.47
CA ASP C 25 10.65 -24.48 -12.81
C ASP C 25 9.63 -24.09 -13.86
N ALA C 26 8.35 -24.09 -13.51
CA ALA C 26 7.29 -23.77 -14.45
C ALA C 26 7.37 -22.33 -14.99
N LEU C 27 7.85 -21.42 -14.14
CA LEU C 27 7.89 -20.00 -14.46
C LEU C 27 9.14 -19.69 -15.27
N VAL C 28 10.24 -20.32 -14.91
CA VAL C 28 11.42 -20.33 -15.76
C VAL C 28 11.09 -20.79 -17.20
N GLU C 29 10.33 -21.89 -17.34
CA GLU C 29 9.92 -22.41 -18.65
C GLU C 29 9.13 -21.42 -19.53
N VAL C 30 8.00 -20.92 -19.02
CA VAL C 30 7.12 -20.04 -19.80
C VAL C 30 7.62 -18.60 -19.87
N LEU C 31 8.17 -18.09 -18.77
CA LEU C 31 8.57 -16.68 -18.69
C LEU C 31 10.05 -16.46 -19.07
N ALA C 32 10.83 -17.53 -19.20
CA ALA C 32 12.28 -17.42 -19.43
C ALA C 32 12.94 -16.41 -18.48
N ILE C 33 12.59 -16.58 -17.21
CA ILE C 33 13.10 -15.80 -16.11
C ILE C 33 14.43 -16.45 -15.69
N PRO C 34 15.39 -15.65 -15.18
CA PRO C 34 16.59 -16.29 -14.62
C PRO C 34 16.26 -17.32 -13.55
N ALA C 35 16.95 -18.44 -13.59
CA ALA C 35 16.73 -19.52 -12.64
C ALA C 35 16.96 -19.07 -11.21
N ARG C 36 17.88 -18.11 -11.00
CA ARG C 36 18.12 -17.64 -9.63
C ARG C 36 17.20 -16.47 -9.24
N ASP C 37 16.21 -16.21 -10.07
CA ASP C 37 15.14 -15.29 -9.76
C ASP C 37 14.02 -16.04 -9.00
N ARG C 38 14.32 -16.47 -7.76
CA ARG C 38 13.44 -17.36 -7.04
C ARG C 38 13.20 -16.76 -5.67
N PHE C 39 11.98 -16.25 -5.52
CA PHE C 39 11.52 -15.52 -4.35
C PHE C 39 10.14 -16.05 -4.05
N GLN C 40 10.06 -16.85 -2.99
CA GLN C 40 8.84 -17.61 -2.65
C GLN C 40 8.65 -17.70 -1.16
N ILE C 41 7.39 -17.58 -0.72
CA ILE C 41 7.00 -17.74 0.70
C ILE C 41 5.95 -18.86 0.81
N LEU C 42 6.35 -20.00 1.37
CA LEU C 42 5.41 -21.07 1.65
C LEU C 42 4.77 -20.90 3.02
N THR C 43 3.45 -20.96 3.06
CA THR C 43 2.75 -20.94 4.35
C THR C 43 1.83 -22.15 4.43
N ALA C 44 2.11 -23.02 5.40
CA ALA C 44 1.22 -24.13 5.74
C ALA C 44 0.11 -23.67 6.70
N HIS C 45 -1.12 -24.07 6.40
CA HIS C 45 -2.30 -23.79 7.26
C HIS C 45 -2.99 -25.11 7.68
N ASP C 46 -3.80 -25.11 8.71
CA ASP C 46 -4.72 -26.22 8.90
C ASP C 46 -5.60 -26.25 7.70
N PRO C 47 -5.78 -27.39 7.06
CA PRO C 47 -6.76 -27.52 5.98
C PRO C 47 -7.99 -26.69 5.90
N SER C 48 -8.65 -26.39 7.01
CA SER C 48 -9.93 -25.70 6.97
C SER C 48 -9.76 -24.19 7.13
N ASP C 49 -8.51 -23.76 7.31
CA ASP C 49 -8.17 -22.36 7.19
C ASP C 49 -7.73 -22.00 5.77
N ILE C 50 -7.87 -22.96 4.86
CA ILE C 50 -8.06 -22.66 3.45
C ILE C 50 -9.45 -23.03 2.98
N ILE C 51 -10.20 -22.11 2.41
CA ILE C 51 -11.50 -22.47 1.81
C ILE C 51 -11.43 -22.23 0.31
N ALA C 52 -11.57 -23.25 -0.49
CA ALA C 52 -11.53 -23.06 -1.91
C ALA C 52 -12.56 -23.87 -2.62
N GLU C 53 -13.65 -23.23 -3.02
CA GLU C 53 -14.73 -23.91 -3.71
C GLU C 53 -14.51 -23.92 -5.21
N ASP C 54 -15.58 -23.80 -5.98
CA ASP C 54 -15.53 -24.03 -7.39
C ASP C 54 -16.08 -22.90 -8.26
N ALA C 55 -16.50 -21.82 -7.64
CA ALA C 55 -17.16 -20.71 -8.35
C ALA C 55 -18.39 -21.23 -9.12
N GLY C 56 -18.97 -22.34 -8.66
CA GLY C 56 -20.08 -23.01 -9.32
C GLY C 56 -19.75 -23.61 -10.68
N LEU C 57 -18.51 -24.02 -10.88
CA LEU C 57 -18.13 -24.61 -12.18
C LEU C 57 -18.45 -26.10 -12.20
N GLY C 58 -18.77 -26.67 -11.05
CA GLY C 58 -19.24 -28.06 -10.96
C GLY C 58 -18.14 -29.08 -10.74
N PHE C 59 -17.35 -28.89 -9.69
CA PHE C 59 -16.26 -29.82 -9.34
C PHE C 59 -15.90 -29.73 -7.86
N GLN C 60 -15.41 -30.84 -7.31
CA GLN C 60 -14.93 -30.86 -5.95
C GLN C 60 -13.42 -30.95 -5.86
N ARG C 61 -12.92 -30.48 -4.73
CA ARG C 61 -11.52 -30.58 -4.41
C ARG C 61 -11.31 -31.46 -3.17
N SER C 62 -10.09 -31.92 -2.97
CA SER C 62 -9.70 -32.54 -1.72
C SER C 62 -9.38 -31.43 -0.72
N PRO C 63 -9.16 -31.78 0.55
CA PRO C 63 -8.67 -30.69 1.39
C PRO C 63 -7.22 -30.24 1.18
N SER C 64 -6.43 -30.97 0.39
CA SER C 64 -5.03 -30.63 0.23
C SER C 64 -4.89 -29.59 -0.89
N VAL C 65 -5.47 -28.44 -0.65
CA VAL C 65 -5.52 -27.35 -1.61
C VAL C 65 -4.20 -26.55 -1.58
N VAL C 66 -3.79 -26.05 -2.75
CA VAL C 66 -2.53 -25.32 -2.88
C VAL C 66 -2.82 -24.07 -3.63
N ILE C 67 -2.75 -22.94 -2.93
CA ILE C 67 -3.02 -21.65 -3.55
C ILE C 67 -1.71 -20.94 -3.83
N ILE C 68 -1.49 -20.68 -5.12
CA ILE C 68 -0.38 -19.86 -5.56
C ILE C 68 -0.71 -18.43 -6.08
N HIS C 69 -0.04 -17.47 -5.49
CA HIS C 69 -0.22 -16.05 -5.75
C HIS C 69 1.09 -15.50 -6.36
N VAL C 70 1.07 -15.19 -7.65
CA VAL C 70 2.22 -14.69 -8.38
C VAL C 70 2.17 -13.15 -8.41
N PHE C 71 3.12 -12.52 -7.75
CA PHE C 71 3.29 -11.06 -7.85
C PHE C 71 4.41 -10.81 -8.83
N THR C 72 4.05 -10.29 -9.99
CA THR C 72 4.96 -10.23 -11.10
C THR C 72 4.81 -8.82 -11.69
N GLN C 73 5.83 -8.32 -12.37
CA GLN C 73 5.70 -7.00 -13.01
C GLN C 73 4.83 -7.09 -14.27
N ALA C 74 4.13 -6.02 -14.60
CA ALA C 74 3.24 -6.01 -15.74
C ALA C 74 3.96 -6.26 -17.06
N GLY C 75 3.25 -6.75 -18.07
CA GLY C 75 3.83 -6.92 -19.38
C GLY C 75 3.72 -8.32 -19.97
N ARG C 76 3.22 -9.26 -19.19
CA ARG C 76 2.96 -10.54 -19.78
C ARG C 76 1.60 -10.54 -20.47
N THR C 77 1.52 -11.28 -21.56
CA THR C 77 0.31 -11.33 -22.34
C THR C 77 -0.74 -12.25 -21.73
N ILE C 78 -1.99 -12.06 -22.14
CA ILE C 78 -3.08 -12.98 -21.83
C ILE C 78 -2.66 -14.45 -22.08
N GLU C 79 -2.08 -14.72 -23.25
CA GLU C 79 -1.66 -16.08 -23.64
C GLU C 79 -0.52 -16.62 -22.82
N THR C 80 0.41 -15.74 -22.50
CA THR C 80 1.55 -16.14 -21.68
C THR C 80 1.07 -16.55 -20.29
N LYS C 81 0.05 -15.88 -19.78
CA LYS C 81 -0.49 -16.13 -18.45
C LYS C 81 -1.21 -17.47 -18.37
N GLN C 82 -1.90 -17.79 -19.46
CA GLN C 82 -2.50 -19.11 -19.67
C GLN C 82 -1.47 -20.22 -19.73
N ARG C 83 -0.36 -19.96 -20.40
CA ARG C 83 0.74 -20.91 -20.43
C ARG C 83 1.34 -21.07 -19.04
N VAL C 84 1.36 -19.98 -18.26
CA VAL C 84 1.80 -20.03 -16.86
C VAL C 84 0.92 -20.97 -16.06
N PHE C 85 -0.39 -20.78 -16.17
CA PHE C 85 -1.38 -21.52 -15.40
C PHE C 85 -1.26 -23.01 -15.70
N ALA C 86 -1.20 -23.31 -17.00
CA ALA C 86 -1.18 -24.66 -17.50
C ALA C 86 0.09 -25.37 -17.07
N ALA C 87 1.25 -24.72 -17.20
CA ALA C 87 2.53 -25.29 -16.78
C ALA C 87 2.70 -25.51 -15.26
N ILE C 88 2.27 -24.55 -14.43
CA ILE C 88 2.28 -24.73 -12.98
C ILE C 88 1.50 -26.00 -12.59
N THR C 89 0.29 -26.11 -13.11
CA THR C 89 -0.58 -27.23 -12.78
C THR C 89 0.03 -28.56 -13.27
N GLU C 90 0.44 -28.66 -14.54
CA GLU C 90 1.06 -29.89 -15.04
C GLU C 90 2.30 -30.33 -14.29
N SER C 91 3.12 -29.37 -13.86
CA SER C 91 4.30 -29.65 -13.03
C SER C 91 3.93 -30.21 -11.65
N LEU C 92 2.78 -29.78 -11.17
CA LEU C 92 2.38 -30.08 -9.82
C LEU C 92 1.71 -31.45 -9.77
N ALA C 93 1.22 -31.90 -10.92
CA ALA C 93 0.50 -33.21 -11.02
C ALA C 93 1.28 -34.47 -10.60
N PRO C 94 2.58 -34.61 -11.00
CA PRO C 94 3.33 -35.80 -10.62
C PRO C 94 3.83 -35.80 -9.19
N ILE C 95 3.66 -34.67 -8.51
CA ILE C 95 4.13 -34.41 -7.15
C ILE C 95 2.98 -34.59 -6.13
N GLY C 96 1.83 -35.06 -6.57
CA GLY C 96 0.71 -35.38 -5.70
C GLY C 96 -0.13 -34.18 -5.42
N VAL C 97 -0.29 -33.32 -6.44
CA VAL C 97 -1.24 -32.24 -6.45
C VAL C 97 -2.19 -32.36 -7.62
N ALA C 98 -3.41 -32.77 -7.31
CA ALA C 98 -4.48 -32.86 -8.29
C ALA C 98 -4.74 -31.52 -8.94
N GLY C 99 -5.01 -31.56 -10.25
CA GLY C 99 -5.54 -30.44 -10.98
C GLY C 99 -6.71 -29.71 -10.33
N SER C 100 -7.53 -30.44 -9.59
CA SER C 100 -8.69 -29.90 -8.90
C SER C 100 -8.34 -29.07 -7.65
N ASP C 101 -7.14 -29.30 -7.09
CA ASP C 101 -6.68 -28.70 -5.84
C ASP C 101 -5.80 -27.46 -6.02
N VAL C 102 -5.60 -27.05 -7.27
CA VAL C 102 -4.81 -25.84 -7.55
C VAL C 102 -5.63 -24.56 -7.80
N PHE C 103 -5.13 -23.44 -7.27
CA PHE C 103 -5.73 -22.13 -7.49
C PHE C 103 -4.61 -21.12 -7.72
N ILE C 104 -4.73 -20.29 -8.76
CA ILE C 104 -3.68 -19.32 -9.07
C ILE C 104 -4.19 -17.89 -9.31
N ALA C 105 -3.46 -16.95 -8.73
CA ALA C 105 -3.70 -15.54 -8.90
C ALA C 105 -2.39 -14.85 -9.31
N ILE C 106 -2.53 -13.92 -10.26
CA ILE C 106 -1.47 -13.03 -10.64
C ILE C 106 -1.84 -11.61 -10.23
N THR C 107 -0.95 -10.91 -9.56
CA THR C 107 -1.19 -9.47 -9.36
C THR C 107 0.03 -8.65 -9.80
N GLU C 108 -0.22 -7.60 -10.58
CA GLU C 108 0.83 -6.90 -11.31
C GLU C 108 1.32 -5.62 -10.64
N ASN C 109 2.59 -5.33 -10.83
CA ASN C 109 3.16 -4.03 -10.53
C ASN C 109 4.19 -3.67 -11.61
N ALA C 110 5.08 -2.73 -11.30
CA ALA C 110 6.09 -2.18 -12.23
C ALA C 110 7.52 -2.59 -11.82
N PRO C 111 8.47 -2.58 -12.77
CA PRO C 111 9.86 -2.87 -12.36
C PRO C 111 10.45 -2.01 -11.21
N HIS C 112 9.98 -0.78 -11.05
CA HIS C 112 10.52 0.11 -10.01
C HIS C 112 9.93 -0.22 -8.64
N ASP C 113 9.08 -1.24 -8.60
CA ASP C 113 8.41 -1.66 -7.35
C ASP C 113 9.13 -2.79 -6.60
N TRP C 114 10.39 -3.06 -6.98
CA TRP C 114 11.20 -4.18 -6.45
C TRP C 114 12.55 -3.75 -5.86
N SER C 115 12.86 -4.28 -4.67
CA SER C 115 14.22 -4.33 -4.16
C SER C 115 14.66 -5.80 -3.86
N PHE C 116 15.69 -6.25 -4.57
CA PHE C 116 16.21 -7.61 -4.43
C PHE C 116 17.26 -7.76 -3.33
N GLY C 117 17.73 -6.65 -2.80
CA GLY C 117 18.60 -6.65 -1.63
C GLY C 117 19.34 -5.32 -1.56
N PHE C 118 19.95 -5.05 -0.40
CA PHE C 118 20.93 -3.97 -0.26
C PHE C 118 20.31 -2.55 -0.30
N GLY C 119 18.99 -2.47 -0.24
CA GLY C 119 18.25 -1.18 -0.26
C GLY C 119 18.12 -0.58 -1.64
N SER C 120 18.47 -1.37 -2.64
CA SER C 120 18.59 -0.90 -4.00
C SER C 120 17.44 -1.39 -4.86
N ALA C 121 17.11 -0.58 -5.85
CA ALA C 121 16.11 -0.91 -6.83
C ALA C 121 16.80 -1.31 -8.11
N GLN C 122 17.17 -2.58 -8.21
CA GLN C 122 18.04 -3.07 -9.27
C GLN C 122 17.59 -2.83 -10.70
N TYR C 123 16.28 -2.90 -10.98
CA TYR C 123 15.76 -2.59 -12.33
C TYR C 123 15.90 -1.09 -12.72
N VAL C 124 15.84 -0.22 -11.71
CA VAL C 124 15.86 1.21 -11.91
C VAL C 124 17.31 1.68 -12.15
N THR C 125 18.24 1.19 -11.31
CA THR C 125 19.67 1.51 -11.41
C THR C 125 20.32 0.87 -12.65
N GLY C 126 19.72 -0.22 -13.13
CA GLY C 126 20.29 -1.00 -14.23
C GLY C 126 21.22 -2.13 -13.85
N GLU C 127 21.35 -2.47 -12.56
CA GLU C 127 22.12 -3.66 -12.18
C GLU C 127 21.46 -4.94 -12.68
N LEU C 128 20.13 -4.88 -12.88
CA LEU C 128 19.34 -5.96 -13.52
C LEU C 128 18.49 -5.40 -14.65
N ALA C 129 18.33 -6.19 -15.71
CA ALA C 129 17.61 -5.74 -16.90
C ALA C 129 16.16 -6.22 -16.92
N PRO D 1 32.10 22.23 -1.14
CA PRO D 1 32.90 21.06 -1.53
C PRO D 1 33.60 21.23 -2.89
N LEU D 2 34.77 20.62 -3.04
CA LEU D 2 35.46 20.60 -4.32
C LEU D 2 35.30 19.23 -4.99
N ILE D 3 34.86 19.22 -6.27
CA ILE D 3 34.50 18.00 -6.96
C ILE D 3 35.43 17.83 -8.18
N ARG D 4 36.17 16.72 -8.22
CA ARG D 4 36.93 16.39 -9.42
C ARG D 4 36.13 15.38 -10.20
N ILE D 5 35.71 15.75 -11.41
CA ILE D 5 35.03 14.81 -12.31
C ILE D 5 35.97 14.42 -13.45
N ASP D 6 36.30 13.14 -13.46
CA ASP D 6 37.25 12.64 -14.43
C ASP D 6 36.49 11.69 -15.34
N LEU D 7 36.57 11.92 -16.64
CA LEU D 7 35.67 11.25 -17.56
C LEU D 7 36.35 11.18 -18.90
N THR D 8 35.65 10.66 -19.91
CA THR D 8 36.25 10.40 -21.21
C THR D 8 35.94 11.52 -22.19
N SER D 9 36.87 11.76 -23.11
CA SER D 9 36.81 12.93 -23.98
C SER D 9 35.85 12.71 -25.14
N ASP D 10 35.72 11.46 -25.57
CA ASP D 10 34.41 10.85 -25.78
C ASP D 10 33.31 11.91 -25.74
N ARG D 11 32.82 12.20 -24.53
CA ARG D 11 31.54 12.88 -24.38
C ARG D 11 31.63 14.33 -24.84
N SER D 12 30.60 14.78 -25.56
CA SER D 12 30.55 16.15 -26.03
C SER D 12 30.74 17.17 -24.94
N ARG D 13 31.06 18.38 -25.32
CA ARG D 13 31.10 19.47 -24.39
C ARG D 13 29.76 19.68 -23.72
N GLU D 14 28.71 19.67 -24.49
CA GLU D 14 27.40 19.71 -23.91
C GLU D 14 27.14 18.62 -22.92
N GLN D 15 27.50 17.39 -23.21
CA GLN D 15 27.23 16.32 -22.28
C GLN D 15 28.03 16.44 -20.97
N ARG D 16 29.26 16.87 -21.06
CA ARG D 16 30.10 17.09 -19.91
C ARG D 16 29.58 18.13 -18.95
N ARG D 17 29.15 19.25 -19.49
CA ARG D 17 28.52 20.30 -18.73
C ARG D 17 27.25 19.81 -18.05
N ALA D 18 26.47 19.01 -18.78
CA ALA D 18 25.25 18.39 -18.28
C ALA D 18 25.50 17.37 -17.18
N ILE D 19 26.63 16.66 -17.24
CA ILE D 19 27.02 15.82 -16.11
C ILE D 19 27.51 16.64 -14.87
N ALA D 20 28.24 17.72 -15.11
CA ALA D 20 28.63 18.64 -14.04
C ALA D 20 27.44 19.25 -13.29
N ASP D 21 26.37 19.60 -14.02
CA ASP D 21 25.18 20.29 -13.45
C ASP D 21 24.35 19.36 -12.60
N ALA D 22 24.23 18.10 -13.03
CA ALA D 22 23.57 17.04 -12.26
C ALA D 22 24.22 16.65 -10.98
N VAL D 23 25.55 16.51 -11.01
CA VAL D 23 26.33 16.29 -9.79
C VAL D 23 26.03 17.43 -8.82
N HIS D 24 26.03 18.64 -9.35
CA HIS D 24 25.84 19.81 -8.51
C HIS D 24 24.40 19.91 -8.04
N ASP D 25 23.44 19.77 -8.95
CA ASP D 25 22.03 19.73 -8.53
C ASP D 25 21.80 18.72 -7.42
N ALA D 26 22.46 17.57 -7.55
CA ALA D 26 22.35 16.48 -6.57
C ALA D 26 22.99 16.83 -5.22
N LEU D 27 24.16 17.49 -5.24
CA LEU D 27 24.76 18.01 -4.00
C LEU D 27 23.84 19.01 -3.30
N VAL D 28 23.24 19.92 -4.06
CA VAL D 28 22.28 20.88 -3.49
C VAL D 28 21.01 20.22 -2.90
N GLU D 29 20.52 19.15 -3.51
CA GLU D 29 19.27 18.52 -3.11
C GLU D 29 19.50 17.84 -1.76
N VAL D 30 20.52 16.97 -1.69
CA VAL D 30 20.79 16.19 -0.49
C VAL D 30 21.54 16.92 0.61
N LEU D 31 22.54 17.73 0.26
CA LEU D 31 23.35 18.38 1.28
C LEU D 31 22.78 19.71 1.77
N ALA D 32 21.79 20.25 1.06
CA ALA D 32 21.21 21.59 1.35
C ALA D 32 22.28 22.66 1.34
N ILE D 33 23.14 22.57 0.33
CA ILE D 33 24.29 23.43 0.17
C ILE D 33 23.84 24.64 -0.68
N PRO D 34 24.45 25.83 -0.46
CA PRO D 34 24.06 26.96 -1.29
C PRO D 34 24.13 26.62 -2.78
N ALA D 35 23.25 27.23 -3.57
CA ALA D 35 23.21 26.95 -4.98
C ALA D 35 24.53 27.29 -5.62
N ARG D 36 25.17 28.37 -5.13
CA ARG D 36 26.41 28.84 -5.75
C ARG D 36 27.68 28.28 -5.12
N ASP D 37 27.50 27.30 -4.23
CA ASP D 37 28.62 26.56 -3.64
C ASP D 37 29.08 25.50 -4.62
N ARG D 38 29.64 25.98 -5.72
CA ARG D 38 29.91 25.15 -6.86
C ARG D 38 31.36 25.26 -7.32
N PHE D 39 32.12 24.18 -7.09
CA PHE D 39 33.56 24.08 -7.38
C PHE D 39 33.85 22.69 -7.95
N GLN D 40 34.04 22.66 -9.26
CA GLN D 40 34.11 21.43 -10.01
C GLN D 40 35.25 21.59 -10.98
N ILE D 41 36.09 20.57 -11.04
CA ILE D 41 37.14 20.41 -11.99
C ILE D 41 36.87 19.19 -12.86
N LEU D 42 36.63 19.41 -14.16
CA LEU D 42 36.49 18.34 -15.15
C LEU D 42 37.77 18.03 -15.92
N THR D 43 38.18 16.77 -15.92
CA THR D 43 39.31 16.35 -16.73
C THR D 43 38.84 15.21 -17.64
N ALA D 44 38.76 15.49 -18.94
CA ALA D 44 38.50 14.50 -20.01
C ALA D 44 39.78 13.77 -20.36
N HIS D 45 39.66 12.47 -20.51
CA HIS D 45 40.81 11.60 -20.75
C HIS D 45 40.48 10.77 -21.98
N ASP D 46 41.53 10.26 -22.61
CA ASP D 46 41.43 9.13 -23.52
C ASP D 46 40.86 7.95 -22.75
N PRO D 47 39.84 7.26 -23.30
CA PRO D 47 39.21 6.16 -22.53
C PRO D 47 40.20 5.15 -21.87
N SER D 48 41.33 4.90 -22.51
CA SER D 48 42.41 4.04 -21.98
C SER D 48 43.05 4.49 -20.68
N ASP D 49 42.95 5.78 -20.41
CA ASP D 49 43.51 6.45 -19.26
C ASP D 49 42.66 6.25 -18.01
N ILE D 50 41.52 5.63 -18.13
CA ILE D 50 40.66 5.45 -17.00
C ILE D 50 40.35 4.00 -16.88
N ILE D 51 40.80 3.39 -15.82
CA ILE D 51 40.61 1.97 -15.62
C ILE D 51 39.79 1.72 -14.40
N ALA D 52 38.63 1.12 -14.62
CA ALA D 52 37.62 1.01 -13.57
C ALA D 52 36.80 -0.26 -13.73
N GLU D 53 37.27 -1.35 -13.13
CA GLU D 53 36.49 -2.58 -13.04
C GLU D 53 35.51 -2.52 -11.88
N ASP D 54 35.34 -3.66 -11.20
CA ASP D 54 34.09 -3.97 -10.53
C ASP D 54 34.33 -4.51 -9.12
N ALA D 55 35.58 -4.42 -8.67
CA ALA D 55 35.94 -4.87 -7.33
C ALA D 55 35.51 -6.32 -7.11
N GLY D 56 35.29 -7.03 -8.22
CA GLY D 56 34.74 -8.39 -8.22
C GLY D 56 33.24 -8.47 -7.99
N LEU D 57 32.54 -7.35 -8.10
CA LEU D 57 31.12 -7.39 -7.75
C LEU D 57 30.33 -8.13 -8.82
N GLY D 58 30.85 -8.21 -10.04
CA GLY D 58 30.20 -9.00 -11.10
C GLY D 58 29.43 -8.23 -12.16
N PHE D 59 30.00 -7.14 -12.67
CA PHE D 59 29.41 -6.39 -13.82
C PHE D 59 30.48 -5.73 -14.68
N GLN D 60 30.12 -5.38 -15.91
CA GLN D 60 30.97 -4.72 -16.84
C GLN D 60 30.57 -3.27 -17.09
N ARG D 61 31.54 -2.39 -17.20
CA ARG D 61 31.18 -1.03 -17.54
C ARG D 61 31.39 -0.86 -19.04
N SER D 62 30.85 0.21 -19.63
CA SER D 62 31.44 0.74 -20.86
C SER D 62 32.72 1.59 -20.58
N PRO D 63 33.47 1.95 -21.64
CA PRO D 63 34.67 2.80 -21.52
C PRO D 63 34.40 4.25 -21.10
N SER D 64 33.15 4.65 -21.21
CA SER D 64 32.67 5.98 -20.90
C SER D 64 32.41 6.17 -19.40
N VAL D 65 33.44 5.95 -18.63
CA VAL D 65 33.31 5.97 -17.17
C VAL D 65 33.37 7.44 -16.67
N VAL D 66 32.67 7.66 -15.58
CA VAL D 66 32.62 8.96 -14.94
C VAL D 66 32.97 8.68 -13.48
N ILE D 67 34.13 9.15 -13.10
CA ILE D 67 34.59 9.10 -11.76
C ILE D 67 34.39 10.43 -11.05
N ILE D 68 33.74 10.39 -9.91
CA ILE D 68 33.45 11.56 -9.17
C ILE D 68 34.05 11.58 -7.79
N HIS D 69 34.84 12.58 -7.52
CA HIS D 69 35.60 12.63 -6.31
C HIS D 69 35.26 13.86 -5.49
N VAL D 70 34.55 13.65 -4.41
CA VAL D 70 34.07 14.71 -3.52
C VAL D 70 35.09 15.09 -2.43
N PHE D 71 35.64 16.28 -2.51
CA PHE D 71 36.44 16.76 -1.37
C PHE D 71 35.54 17.70 -0.55
N THR D 72 35.04 17.24 0.58
CA THR D 72 34.12 18.04 1.37
C THR D 72 34.53 18.00 2.82
N GLN D 73 34.08 18.99 3.60
CA GLN D 73 34.40 19.00 5.03
C GLN D 73 33.66 17.88 5.77
N ALA D 74 34.26 17.37 6.81
CA ALA D 74 33.61 16.35 7.64
C ALA D 74 32.36 16.85 8.33
N GLY D 75 31.53 15.92 8.78
CA GLY D 75 30.29 16.32 9.39
C GLY D 75 29.13 15.49 8.89
N ARG D 76 29.15 15.12 7.60
CA ARG D 76 28.08 14.31 7.02
C ARG D 76 28.04 12.87 7.53
N THR D 77 26.82 12.45 7.78
CA THR D 77 26.46 11.13 8.33
C THR D 77 26.57 10.03 7.25
N ILE D 78 26.75 8.76 7.63
CA ILE D 78 26.82 7.70 6.63
C ILE D 78 25.54 7.61 5.74
N GLU D 79 24.37 7.93 6.28
CA GLU D 79 23.14 7.80 5.51
C GLU D 79 22.96 8.89 4.48
N THR D 80 23.41 10.08 4.83
CA THR D 80 23.46 11.22 3.96
C THR D 80 24.41 10.97 2.79
N LYS D 81 25.59 10.41 3.06
CA LYS D 81 26.46 9.96 1.96
C LYS D 81 25.82 8.93 1.05
N GLN D 82 25.04 8.01 1.64
CA GLN D 82 24.29 7.02 0.87
C GLN D 82 23.35 7.73 -0.09
N ARG D 83 22.62 8.72 0.46
CA ARG D 83 21.71 9.62 -0.26
C ARG D 83 22.49 10.34 -1.35
N VAL D 84 23.64 10.89 -0.98
CA VAL D 84 24.54 11.53 -1.92
C VAL D 84 24.89 10.59 -3.09
N PHE D 85 25.30 9.34 -2.79
CA PHE D 85 25.70 8.40 -3.86
C PHE D 85 24.53 8.08 -4.79
N ALA D 86 23.40 7.75 -4.18
CA ALA D 86 22.09 7.51 -4.85
C ALA D 86 21.65 8.64 -5.73
N ALA D 87 21.62 9.85 -5.16
CA ALA D 87 21.14 11.05 -5.85
C ALA D 87 21.95 11.49 -7.05
N ILE D 88 23.29 11.48 -6.94
CA ILE D 88 24.09 11.89 -8.10
C ILE D 88 23.97 10.89 -9.26
N THR D 89 23.96 9.60 -8.94
CA THR D 89 23.80 8.51 -9.91
C THR D 89 22.44 8.50 -10.63
N GLU D 90 21.38 8.77 -9.88
CA GLU D 90 20.03 8.94 -10.46
C GLU D 90 19.95 10.13 -11.40
N SER D 91 20.66 11.20 -11.05
CA SER D 91 20.73 12.42 -11.85
C SER D 91 21.56 12.28 -13.11
N LEU D 92 22.44 11.29 -13.13
CA LEU D 92 23.26 11.05 -14.32
C LEU D 92 22.62 10.13 -15.32
N ALA D 93 21.74 9.22 -14.87
CA ALA D 93 21.13 8.22 -15.74
C ALA D 93 20.46 8.83 -16.97
N PRO D 94 19.61 9.86 -16.77
CA PRO D 94 18.89 10.44 -17.92
C PRO D 94 19.76 11.26 -18.86
N ILE D 95 21.00 11.52 -18.48
CA ILE D 95 21.92 12.32 -19.26
C ILE D 95 22.91 11.42 -20.02
N GLY D 96 22.71 10.11 -19.97
CA GLY D 96 23.52 9.21 -20.76
C GLY D 96 24.75 8.72 -20.04
N VAL D 97 24.69 8.71 -18.72
CA VAL D 97 25.66 8.00 -17.89
C VAL D 97 24.95 6.87 -17.15
N ALA D 98 25.30 5.63 -17.48
CA ALA D 98 24.74 4.44 -16.85
C ALA D 98 25.31 4.22 -15.46
N GLY D 99 24.49 3.66 -14.60
CA GLY D 99 24.83 3.31 -13.23
C GLY D 99 26.05 2.47 -13.10
N SER D 100 26.31 1.65 -14.14
CA SER D 100 27.53 0.81 -14.20
C SER D 100 28.82 1.60 -14.45
N ASP D 101 28.70 2.81 -14.97
CA ASP D 101 29.85 3.60 -15.45
C ASP D 101 30.20 4.70 -14.47
N VAL D 102 29.56 4.67 -13.29
CA VAL D 102 29.72 5.65 -12.23
C VAL D 102 30.51 5.13 -11.03
N PHE D 103 31.54 5.89 -10.65
CA PHE D 103 32.35 5.56 -9.48
C PHE D 103 32.44 6.84 -8.68
N ILE D 104 32.17 6.76 -7.37
CA ILE D 104 32.21 7.94 -6.49
C ILE D 104 33.05 7.64 -5.25
N ALA D 105 33.88 8.64 -4.88
CA ALA D 105 34.74 8.62 -3.71
C ALA D 105 34.59 9.97 -2.99
N ILE D 106 34.63 9.91 -1.66
CA ILE D 106 34.58 11.12 -0.81
C ILE D 106 35.85 11.15 0.05
N THR D 107 36.53 12.29 0.10
CA THR D 107 37.59 12.46 1.10
C THR D 107 37.36 13.77 1.89
N GLU D 108 37.42 13.64 3.20
CA GLU D 108 37.00 14.71 4.08
C GLU D 108 38.18 15.60 4.54
N ASN D 109 37.89 16.86 4.86
CA ASN D 109 38.80 17.67 5.68
C ASN D 109 37.99 18.51 6.67
N ALA D 110 38.58 19.59 7.21
CA ALA D 110 37.91 20.54 8.14
C ALA D 110 37.41 21.87 7.47
N PRO D 111 36.44 22.58 8.08
CA PRO D 111 36.17 23.94 7.55
C PRO D 111 37.39 24.90 7.51
N HIS D 112 38.41 24.67 8.33
CA HIS D 112 39.57 25.53 8.27
C HIS D 112 40.52 25.22 7.11
N ASP D 113 40.09 24.35 6.21
CA ASP D 113 40.95 23.81 5.15
C ASP D 113 40.61 24.39 3.77
N TRP D 114 39.85 25.48 3.75
CA TRP D 114 39.23 26.06 2.55
C TRP D 114 39.45 27.58 2.49
N SER D 115 40.02 28.07 1.40
CA SER D 115 39.90 29.47 1.00
C SER D 115 39.08 29.63 -0.32
N PHE D 116 38.01 30.45 -0.32
CA PHE D 116 37.14 30.69 -1.54
C PHE D 116 37.59 31.78 -2.48
N GLY D 117 38.56 32.56 -2.04
CA GLY D 117 39.16 33.57 -2.85
C GLY D 117 39.68 34.62 -1.89
N PHE D 118 40.48 35.53 -2.43
CA PHE D 118 40.88 36.79 -1.75
C PHE D 118 41.86 36.54 -0.60
N GLY D 119 42.43 35.36 -0.54
CA GLY D 119 43.44 35.00 0.49
C GLY D 119 42.85 34.70 1.86
N SER D 120 41.54 34.55 1.91
CA SER D 120 40.86 34.39 3.18
C SER D 120 40.34 32.96 3.43
N ALA D 121 40.15 32.61 4.72
CA ALA D 121 39.53 31.37 5.16
C ALA D 121 38.10 31.61 5.68
N GLN D 122 37.13 31.64 4.76
CA GLN D 122 35.78 32.13 5.04
C GLN D 122 34.96 31.40 6.10
N TYR D 123 35.18 30.09 6.26
CA TYR D 123 34.51 29.38 7.37
C TYR D 123 35.03 29.78 8.74
N VAL D 124 36.29 30.18 8.81
CA VAL D 124 36.97 30.55 10.04
C VAL D 124 36.70 31.97 10.51
N THR D 125 36.59 32.89 9.59
CA THR D 125 36.33 34.26 9.88
C THR D 125 34.85 34.46 10.13
N GLY D 126 34.07 33.56 9.60
CA GLY D 126 32.64 33.58 9.79
C GLY D 126 31.90 34.30 8.67
N GLU D 127 32.61 34.55 7.57
CA GLU D 127 32.06 35.16 6.39
C GLU D 127 31.15 34.15 5.68
N LEU D 128 31.42 32.87 5.90
CA LEU D 128 30.59 31.78 5.33
C LEU D 128 30.28 30.88 6.48
N ALA D 129 28.99 30.58 6.66
CA ALA D 129 28.56 29.67 7.72
C ALA D 129 28.87 28.24 7.37
N PRO E 1 -27.75 26.37 13.00
CA PRO E 1 -28.14 26.04 11.64
C PRO E 1 -29.58 25.57 11.53
N LEU E 2 -30.22 25.87 10.40
CA LEU E 2 -31.57 25.39 10.11
C LEU E 2 -31.52 24.24 9.12
N ILE E 3 -32.22 23.10 9.38
CA ILE E 3 -32.07 21.86 8.60
C ILE E 3 -33.41 21.49 8.04
N ARG E 4 -33.52 21.43 6.72
CA ARG E 4 -34.73 20.91 6.09
C ARG E 4 -34.49 19.46 5.70
N ILE E 5 -35.25 18.56 6.31
CA ILE E 5 -35.15 17.14 6.00
C ILE E 5 -36.43 16.74 5.26
N ASP E 6 -36.28 16.32 4.00
CA ASP E 6 -37.42 15.84 3.20
C ASP E 6 -37.28 14.35 2.92
N LEU E 7 -38.28 13.60 3.39
CA LEU E 7 -38.28 12.14 3.26
C LEU E 7 -39.63 11.64 2.76
N THR E 8 -39.82 10.32 2.75
CA THR E 8 -41.01 9.71 2.18
C THR E 8 -41.96 9.13 3.22
N SER E 9 -43.25 9.18 2.90
CA SER E 9 -44.36 8.73 3.74
C SER E 9 -44.28 7.29 4.30
N ASP E 10 -43.51 6.42 3.65
CA ASP E 10 -43.35 5.03 4.11
C ASP E 10 -42.48 4.89 5.37
N ARG E 11 -41.73 5.93 5.71
CA ARG E 11 -41.03 5.98 6.99
C ARG E 11 -42.03 6.15 8.12
N SER E 12 -41.91 5.32 9.14
CA SER E 12 -42.67 5.50 10.38
C SER E 12 -42.23 6.78 11.09
N ARG E 13 -43.13 7.34 11.92
CA ARG E 13 -42.85 8.59 12.64
C ARG E 13 -41.77 8.45 13.74
N GLU E 14 -41.66 7.26 14.32
CA GLU E 14 -40.52 6.89 15.18
C GLU E 14 -39.18 6.98 14.40
N GLN E 15 -39.14 6.35 13.21
CA GLN E 15 -37.97 6.44 12.32
C GLN E 15 -37.68 7.86 11.82
N ARG E 16 -38.73 8.62 11.51
CA ARG E 16 -38.57 10.03 11.11
C ARG E 16 -37.87 10.86 12.19
N ARG E 17 -38.35 10.69 13.42
CA ARG E 17 -37.75 11.31 14.58
C ARG E 17 -36.30 10.85 14.80
N ALA E 18 -36.06 9.54 14.71
CA ALA E 18 -34.69 9.00 14.76
C ALA E 18 -33.75 9.62 13.71
N ILE E 19 -34.24 9.78 12.48
CA ILE E 19 -33.52 10.49 11.41
C ILE E 19 -33.16 11.92 11.87
N ALA E 20 -34.14 12.63 12.41
CA ALA E 20 -33.94 13.99 12.87
C ALA E 20 -32.86 14.04 13.98
N ASP E 21 -32.99 13.17 15.00
CA ASP E 21 -32.02 13.06 16.08
C ASP E 21 -30.60 12.76 15.58
N ALA E 22 -30.46 11.79 14.67
CA ALA E 22 -29.16 11.36 14.13
C ALA E 22 -28.45 12.49 13.38
N VAL E 23 -29.21 13.22 12.57
CA VAL E 23 -28.73 14.41 11.88
C VAL E 23 -28.26 15.47 12.88
N HIS E 24 -29.06 15.73 13.92
CA HIS E 24 -28.71 16.74 14.92
C HIS E 24 -27.46 16.36 15.72
N ASP E 25 -27.38 15.09 16.10
CA ASP E 25 -26.22 14.57 16.84
C ASP E 25 -24.93 14.63 16.05
N ALA E 26 -24.99 14.24 14.78
CA ALA E 26 -23.85 14.32 13.86
C ALA E 26 -23.30 15.74 13.74
N LEU E 27 -24.22 16.72 13.74
CA LEU E 27 -23.86 18.13 13.67
C LEU E 27 -23.21 18.66 14.95
N VAL E 28 -23.70 18.20 16.10
CA VAL E 28 -23.06 18.49 17.39
C VAL E 28 -21.65 17.92 17.41
N GLU E 29 -21.51 16.63 17.11
CA GLU E 29 -20.21 15.96 17.14
C GLU E 29 -19.18 16.74 16.32
N VAL E 30 -19.51 16.97 15.04
CA VAL E 30 -18.59 17.55 14.06
C VAL E 30 -18.40 19.08 14.17
N LEU E 31 -19.51 19.81 14.28
CA LEU E 31 -19.45 21.28 14.27
C LEU E 31 -19.18 21.91 15.63
N ALA E 32 -19.39 21.12 16.69
CA ALA E 32 -19.30 21.60 18.07
C ALA E 32 -20.30 22.73 18.38
N ILE E 33 -21.41 22.77 17.64
CA ILE E 33 -22.56 23.65 17.95
C ILE E 33 -23.23 23.23 19.26
N PRO E 34 -23.85 24.19 19.99
CA PRO E 34 -24.56 23.78 21.21
C PRO E 34 -25.54 22.64 20.98
N ALA E 35 -25.83 21.87 22.03
CA ALA E 35 -26.77 20.76 21.96
C ALA E 35 -28.17 21.28 21.66
N ARG E 36 -28.44 22.49 22.05
CA ARG E 36 -29.75 23.06 21.87
C ARG E 36 -29.83 23.98 20.68
N ASP E 37 -28.82 23.93 19.85
CA ASP E 37 -28.81 24.56 18.57
C ASP E 37 -29.57 23.76 17.55
N ARG E 38 -30.81 23.43 17.85
CA ARG E 38 -31.55 22.47 17.08
C ARG E 38 -32.74 23.10 16.39
N PHE E 39 -32.63 23.28 15.08
CA PHE E 39 -33.65 23.94 14.25
C PHE E 39 -33.86 23.10 12.97
N GLN E 40 -34.99 22.40 12.96
CA GLN E 40 -35.24 21.32 11.98
C GLN E 40 -36.68 21.34 11.54
N ILE E 41 -36.87 21.26 10.23
CA ILE E 41 -38.19 21.10 9.62
C ILE E 41 -38.19 19.77 8.88
N LEU E 42 -39.10 18.88 9.26
CA LEU E 42 -39.15 17.55 8.68
C LEU E 42 -40.40 17.39 7.84
N THR E 43 -40.25 16.98 6.59
CA THR E 43 -41.39 16.83 5.69
C THR E 43 -41.41 15.48 4.95
N ALA E 44 -42.44 14.68 5.21
CA ALA E 44 -42.72 13.48 4.42
C ALA E 44 -43.44 13.84 3.12
N HIS E 45 -43.16 13.06 2.08
CA HIS E 45 -43.84 13.17 0.79
C HIS E 45 -44.25 11.76 0.38
N ASP E 46 -45.20 11.63 -0.55
CA ASP E 46 -45.36 10.34 -1.26
C ASP E 46 -44.04 10.05 -1.95
N PRO E 47 -43.59 8.82 -1.91
CA PRO E 47 -42.40 8.50 -2.67
C PRO E 47 -42.83 8.83 -4.06
N SER E 48 -41.99 9.50 -4.84
CA SER E 48 -42.41 9.95 -6.17
C SER E 48 -42.58 11.46 -6.31
N ASP E 49 -43.05 12.13 -5.27
CA ASP E 49 -42.85 13.55 -5.20
C ASP E 49 -41.46 13.92 -4.81
N ILE E 50 -40.63 12.92 -4.62
CA ILE E 50 -39.20 13.16 -4.44
C ILE E 50 -38.38 12.23 -5.36
N ILE E 51 -37.56 12.84 -6.19
CA ILE E 51 -36.77 12.15 -7.19
C ILE E 51 -35.29 12.39 -6.97
N ALA E 52 -34.52 11.33 -6.80
CA ALA E 52 -33.10 11.44 -6.55
C ALA E 52 -32.36 10.40 -7.30
N GLU E 53 -31.75 10.76 -8.40
CA GLU E 53 -31.00 9.82 -9.21
C GLU E 53 -29.56 9.79 -8.80
N ASP E 54 -28.65 9.52 -9.72
CA ASP E 54 -27.26 9.27 -9.35
C ASP E 54 -26.18 10.21 -9.86
N ALA E 55 -26.61 11.30 -10.47
CA ALA E 55 -25.76 12.19 -11.25
C ALA E 55 -24.86 11.44 -12.27
N GLY E 56 -25.25 10.20 -12.59
CA GLY E 56 -24.56 9.38 -13.58
C GLY E 56 -23.41 8.57 -13.01
N LEU E 57 -23.50 8.24 -11.72
CA LEU E 57 -22.41 7.52 -11.04
C LEU E 57 -22.61 6.00 -11.02
N GLY E 58 -23.70 5.54 -11.63
CA GLY E 58 -24.02 4.12 -11.74
C GLY E 58 -24.32 3.42 -10.42
N PHE E 59 -25.29 3.95 -9.68
CA PHE E 59 -25.80 3.28 -8.49
C PHE E 59 -27.29 3.53 -8.31
N GLN E 60 -27.99 2.57 -7.72
CA GLN E 60 -29.42 2.68 -7.51
C GLN E 60 -29.74 3.07 -6.07
N ARG E 61 -30.75 3.91 -5.90
CA ARG E 61 -31.18 4.34 -4.57
C ARG E 61 -32.13 3.32 -3.95
N SER E 62 -33.39 3.36 -4.36
CA SER E 62 -34.50 2.96 -3.50
C SER E 62 -35.41 4.15 -3.20
N PRO E 63 -36.69 3.87 -3.02
CA PRO E 63 -37.71 4.89 -3.10
C PRO E 63 -37.71 5.75 -1.85
N SER E 64 -37.20 5.20 -0.75
CA SER E 64 -37.15 5.89 0.54
C SER E 64 -35.95 6.82 0.66
N VAL E 65 -35.88 7.78 -0.27
CA VAL E 65 -34.79 8.76 -0.30
C VAL E 65 -34.95 9.81 0.80
N VAL E 66 -33.85 10.17 1.43
CA VAL E 66 -33.80 11.15 2.50
C VAL E 66 -32.91 12.32 2.04
N ILE E 67 -33.50 13.51 1.93
CA ILE E 67 -32.77 14.70 1.51
C ILE E 67 -32.61 15.73 2.65
N ILE E 68 -31.35 16.10 2.93
CA ILE E 68 -30.99 16.99 4.04
C ILE E 68 -30.41 18.30 3.48
N HIS E 69 -31.04 19.43 3.81
CA HIS E 69 -30.61 20.73 3.31
C HIS E 69 -30.16 21.49 4.53
N VAL E 70 -28.86 21.76 4.61
CA VAL E 70 -28.25 22.44 5.74
C VAL E 70 -28.18 23.93 5.39
N PHE E 71 -28.87 24.75 6.18
CA PHE E 71 -28.72 26.20 6.09
C PHE E 71 -27.92 26.64 7.29
N THR E 72 -26.73 27.15 7.03
CA THR E 72 -25.78 27.46 8.09
C THR E 72 -24.91 28.64 7.67
N GLN E 73 -24.43 29.38 8.66
CA GLN E 73 -23.52 30.48 8.41
C GLN E 73 -22.17 30.03 7.81
N ALA E 74 -21.56 30.93 7.02
CA ALA E 74 -20.26 30.69 6.37
C ALA E 74 -19.13 30.46 7.36
N GLY E 75 -18.01 29.92 6.88
CA GLY E 75 -16.83 29.76 7.71
C GLY E 75 -16.30 28.36 7.83
N ARG E 76 -17.18 27.36 7.70
CA ARG E 76 -16.76 25.96 7.79
C ARG E 76 -15.85 25.58 6.63
N THR E 77 -14.81 24.84 6.98
CA THR E 77 -13.81 24.36 6.03
C THR E 77 -14.42 23.32 5.06
N ILE E 78 -13.85 23.26 3.86
CA ILE E 78 -14.11 22.16 2.93
C ILE E 78 -14.07 20.78 3.65
N GLU E 79 -12.99 20.55 4.41
CA GLU E 79 -12.76 19.31 5.16
C GLU E 79 -13.75 19.11 6.30
N THR E 80 -14.12 20.19 6.99
CA THR E 80 -15.16 20.11 8.04
C THR E 80 -16.49 19.63 7.44
N LYS E 81 -16.85 20.12 6.25
CA LYS E 81 -18.09 19.74 5.55
C LYS E 81 -18.13 18.27 5.11
N GLN E 82 -17.05 17.79 4.48
CA GLN E 82 -16.89 16.35 4.21
C GLN E 82 -17.13 15.49 5.46
N ARG E 83 -16.72 16.00 6.61
CA ARG E 83 -16.90 15.30 7.89
C ARG E 83 -18.36 15.37 8.36
N VAL E 84 -18.99 16.54 8.18
CA VAL E 84 -20.45 16.64 8.29
C VAL E 84 -21.15 15.58 7.43
N PHE E 85 -20.83 15.54 6.13
CA PHE E 85 -21.45 14.58 5.21
C PHE E 85 -21.21 13.17 5.68
N ALA E 86 -19.96 12.87 6.08
CA ALA E 86 -19.57 11.52 6.54
C ALA E 86 -20.33 11.12 7.78
N ALA E 87 -20.34 12.00 8.78
CA ALA E 87 -20.96 11.73 10.09
C ALA E 87 -22.49 11.58 10.08
N ILE E 88 -23.20 12.33 9.23
CA ILE E 88 -24.65 12.17 9.21
C ILE E 88 -25.05 10.86 8.55
N THR E 89 -24.47 10.55 7.39
CA THR E 89 -24.68 9.28 6.70
C THR E 89 -24.34 8.06 7.58
N GLU E 90 -23.22 8.13 8.29
CA GLU E 90 -22.79 7.11 9.25
C GLU E 90 -23.80 6.97 10.42
N SER E 91 -24.34 8.10 10.89
CA SER E 91 -25.33 8.09 11.98
C SER E 91 -26.67 7.49 11.58
N LEU E 92 -27.07 7.69 10.33
CA LEU E 92 -28.35 7.23 9.82
C LEU E 92 -28.35 5.73 9.50
N ALA E 93 -27.18 5.19 9.18
CA ALA E 93 -27.04 3.79 8.81
C ALA E 93 -27.65 2.80 9.83
N PRO E 94 -27.24 2.85 11.12
CA PRO E 94 -27.86 1.96 12.12
C PRO E 94 -29.36 2.17 12.35
N ILE E 95 -29.90 3.27 11.82
CA ILE E 95 -31.26 3.72 12.14
C ILE E 95 -32.25 3.41 11.00
N GLY E 96 -31.73 3.11 9.83
CA GLY E 96 -32.59 2.60 8.76
C GLY E 96 -32.35 3.20 7.38
N VAL E 97 -31.49 4.20 7.29
CA VAL E 97 -31.21 4.84 6.00
C VAL E 97 -29.93 4.33 5.34
N ALA E 98 -30.06 3.73 4.16
CA ALA E 98 -28.91 3.17 3.46
C ALA E 98 -28.06 4.32 2.93
N GLY E 99 -26.74 4.15 2.90
CA GLY E 99 -25.83 5.16 2.33
C GLY E 99 -26.28 5.69 0.97
N SER E 100 -26.86 4.80 0.16
CA SER E 100 -27.39 5.15 -1.16
C SER E 100 -28.59 6.11 -1.13
N ASP E 101 -29.33 6.12 -0.03
CA ASP E 101 -30.57 6.90 0.03
C ASP E 101 -30.41 8.29 0.64
N VAL E 102 -29.15 8.72 0.80
CA VAL E 102 -28.85 10.03 1.39
C VAL E 102 -28.33 11.03 0.35
N PHE E 103 -28.90 12.24 0.37
CA PHE E 103 -28.44 13.38 -0.42
C PHE E 103 -28.30 14.58 0.53
N ILE E 104 -27.17 15.27 0.47
CA ILE E 104 -26.96 16.41 1.35
C ILE E 104 -26.53 17.65 0.57
N ALA E 105 -27.13 18.79 0.93
CA ALA E 105 -26.76 20.07 0.35
C ALA E 105 -26.48 21.05 1.46
N ILE E 106 -25.46 21.89 1.28
CA ILE E 106 -25.29 23.08 2.10
C ILE E 106 -25.51 24.40 1.32
N THR E 107 -26.21 25.34 1.94
CA THR E 107 -26.27 26.71 1.42
C THR E 107 -26.16 27.71 2.54
N GLU E 108 -25.31 28.72 2.35
CA GLU E 108 -24.98 29.51 3.52
C GLU E 108 -25.37 30.96 3.51
N ASN E 109 -25.08 31.59 4.65
CA ASN E 109 -25.42 32.97 4.94
C ASN E 109 -24.46 33.50 6.03
N ALA E 110 -24.81 34.62 6.64
CA ALA E 110 -23.91 35.28 7.59
C ALA E 110 -24.54 35.22 8.98
N PRO E 111 -23.72 35.42 10.05
CA PRO E 111 -24.38 35.38 11.36
C PRO E 111 -25.46 36.47 11.51
N HIS E 112 -25.30 37.60 10.82
CA HIS E 112 -26.35 38.65 10.83
C HIS E 112 -27.60 38.27 10.03
N ASP E 113 -27.65 37.03 9.52
CA ASP E 113 -28.80 36.55 8.75
C ASP E 113 -29.74 35.66 9.56
N TRP E 114 -29.57 35.65 10.88
CA TRP E 114 -30.34 34.78 11.78
C TRP E 114 -31.10 35.55 12.87
N SER E 115 -32.29 35.06 13.24
CA SER E 115 -33.03 35.50 14.44
C SER E 115 -33.64 34.28 15.13
N PHE E 116 -33.36 34.13 16.43
CA PHE E 116 -33.79 32.96 17.16
C PHE E 116 -35.07 33.25 17.93
N GLY E 117 -35.59 34.47 17.78
CA GLY E 117 -36.83 34.85 18.43
C GLY E 117 -36.80 36.25 18.96
N PHE E 118 -37.93 36.69 19.50
CA PHE E 118 -38.02 37.95 20.26
C PHE E 118 -37.65 39.16 19.43
N GLY E 119 -37.52 38.95 18.12
CA GLY E 119 -37.21 40.01 17.16
C GLY E 119 -35.78 40.47 17.27
N SER E 120 -34.91 39.60 17.80
CA SER E 120 -33.53 39.95 18.00
C SER E 120 -32.58 39.11 17.15
N ALA E 121 -31.61 39.77 16.53
CA ALA E 121 -30.48 39.14 15.86
C ALA E 121 -29.35 38.82 16.85
N GLN E 122 -29.43 37.66 17.49
CA GLN E 122 -28.57 37.33 18.65
C GLN E 122 -27.07 37.17 18.39
N TYR E 123 -26.67 36.89 17.15
CA TYR E 123 -25.23 36.85 16.83
C TYR E 123 -24.63 38.27 16.78
N VAL E 124 -25.38 39.22 16.24
CA VAL E 124 -24.92 40.64 16.14
C VAL E 124 -24.94 41.42 17.47
N THR E 125 -25.99 41.24 18.26
CA THR E 125 -26.08 41.80 19.63
C THR E 125 -24.92 41.34 20.53
N GLY E 126 -24.41 40.14 20.26
CA GLY E 126 -23.32 39.56 21.03
C GLY E 126 -23.81 38.54 22.02
N GLU E 127 -25.14 38.39 22.12
CA GLU E 127 -25.71 37.44 23.06
C GLU E 127 -25.34 35.99 22.74
N LEU E 128 -25.22 35.69 21.45
CA LEU E 128 -24.83 34.36 21.02
C LEU E 128 -23.47 34.46 20.36
N ALA E 129 -22.56 33.58 20.75
CA ALA E 129 -21.23 33.47 20.11
C ALA E 129 -21.31 32.69 18.79
CAH PR6 F . -12.92 -13.89 -7.58
OAI PR6 F . -13.84 -14.42 -8.13
CAJ PR6 F . -11.68 -13.61 -8.36
CAK PR6 F . -12.03 -12.47 -9.29
OAL PR6 F . -12.29 -12.75 -10.44
OAM PR6 F . -12.16 -11.36 -8.82
CAH PR6 G . -1.88 3.36 4.17
OAI PR6 G . -2.23 4.38 4.77
CAJ PR6 G . -2.90 2.72 3.25
CAK PR6 G . -2.81 3.55 1.94
OAL PR6 G . -3.61 4.50 1.80
OAM PR6 G . -1.92 3.25 1.13
CAH PR6 H . 10.51 -11.25 -10.19
OAI PR6 H . 11.59 -11.28 -10.71
CAJ PR6 H . 9.99 -9.98 -9.60
CAK PR6 H . 9.53 -9.11 -10.77
OAL PR6 H . 10.25 -8.15 -10.99
OAM PR6 H . 8.55 -9.47 -11.44
CAH PR6 I . 32.32 22.98 -0.03
OAI PR6 I . 31.50 23.82 0.22
CAJ PR6 I . 33.64 22.95 0.70
CAK PR6 I . 33.37 22.36 2.07
OAL PR6 I . 33.37 23.06 3.04
OAM PR6 I . 33.07 21.18 2.12
CAH PR6 J . -27.53 27.69 13.16
OAI PR6 J . -27.16 27.72 14.29
CAJ PR6 J . -27.68 28.98 12.44
CAK PR6 J . -26.30 29.37 11.97
OAL PR6 J . -25.76 30.32 12.50
OAM PR6 J . -25.82 28.70 11.07
#